data_5MSE
#
_entry.id   5MSE
#
_cell.length_a   73.401
_cell.length_b   73.398
_cell.length_c   93.927
_cell.angle_alpha   90.00
_cell.angle_beta   93.73
_cell.angle_gamma   90.00
#
_symmetry.space_group_name_H-M   'P 1 21 1'
#
loop_
_entity.id
_entity.type
_entity.pdbx_description
1 polymer 'Green fluorescent protein'
2 non-polymer 'SODIUM ION'
3 non-polymer IMIDAZOLE
4 water water
#
_entity_poly.entity_id   1
_entity_poly.type   'polypeptide(L)'
_entity_poly.pdbx_seq_one_letter_code
;AGTSRGEELFTGVVPILVELDGDVNGHRFSVRGEGEGDATYGMLTLRFICTTGRLPVPWPTLVTTL(CRO)VQCFARYPD
HMRRHDFFKSTMPEGYVQERMIYFEDDGAYRTRAVVRFEGDTLVNRIELRGTDFREDGNILGHRLEYNFNSHMVYIMADR
QRNGIRAMFNTRHNVEDGSEQVAMHYQQNTPIGDGPVLLPDDHYLYTMSLLSVDPNERRDHMVLREFVMAAGITLGMDEL
YR
;
_entity_poly.pdbx_strand_id   A,C,D,B
#
loop_
_chem_comp.id
_chem_comp.type
_chem_comp.name
_chem_comp.formula
IMD non-polymer IMIDAZOLE 'C3 H5 N2 1'
NA non-polymer 'SODIUM ION' 'Na 1'
#
# COMPACT_ATOMS: atom_id res chain seq x y z
N GLY A 6 -19.21 -29.05 -4.01
CA GLY A 6 -18.99 -27.76 -3.07
C GLY A 6 -18.29 -26.67 -3.94
N GLU A 7 -16.96 -26.70 -3.99
CA GLU A 7 -16.13 -26.17 -5.14
C GLU A 7 -16.64 -26.48 -6.54
N GLU A 8 -17.17 -27.68 -6.73
CA GLU A 8 -17.63 -28.14 -8.04
C GLU A 8 -18.79 -27.29 -8.56
N LEU A 9 -19.58 -26.68 -7.68
CA LEU A 9 -20.67 -25.87 -8.12
C LEU A 9 -20.19 -24.54 -8.85
N PHE A 10 -18.91 -24.22 -8.72
CA PHE A 10 -18.33 -22.90 -9.19
C PHE A 10 -17.33 -23.00 -10.29
N THR A 11 -17.23 -24.22 -10.89
CA THR A 11 -16.25 -24.43 -11.91
C THR A 11 -16.62 -23.72 -13.22
N GLY A 12 -17.89 -23.45 -13.48
CA GLY A 12 -18.22 -22.60 -14.60
C GLY A 12 -18.72 -21.21 -14.21
N VAL A 13 -19.49 -20.65 -15.11
CA VAL A 13 -20.24 -19.42 -14.94
C VAL A 13 -21.54 -19.75 -14.21
N VAL A 14 -21.82 -19.07 -13.11
CA VAL A 14 -23.02 -19.34 -12.29
C VAL A 14 -23.90 -18.10 -12.28
N PRO A 15 -25.19 -18.22 -12.55
CA PRO A 15 -26.02 -17.05 -12.52
C PRO A 15 -26.22 -16.63 -11.04
N ILE A 16 -26.41 -15.35 -10.83
CA ILE A 16 -26.59 -14.77 -9.54
C ILE A 16 -27.84 -13.91 -9.45
N LEU A 17 -28.52 -13.98 -8.32
CA LEU A 17 -29.63 -13.18 -7.99
C LEU A 17 -29.39 -12.56 -6.59
N VAL A 18 -29.64 -11.24 -6.51
CA VAL A 18 -29.52 -10.55 -5.26
C VAL A 18 -30.76 -9.83 -4.94
N GLU A 19 -31.23 -9.98 -3.69
CA GLU A 19 -32.43 -9.23 -3.28
C GLU A 19 -32.17 -8.57 -1.95
N LEU A 20 -32.36 -7.30 -1.87
CA LEU A 20 -32.16 -6.54 -0.63
C LEU A 20 -33.41 -5.81 -0.24
N ASP A 21 -33.78 -5.97 1.06
CA ASP A 21 -34.83 -5.12 1.70
C ASP A 21 -34.13 -4.26 2.74
N GLY A 22 -34.33 -2.97 2.61
CA GLY A 22 -33.56 -1.97 3.38
C GLY A 22 -34.47 -0.98 4.08
N ASP A 23 -33.92 -0.44 5.18
CA ASP A 23 -34.56 0.64 5.89
C ASP A 23 -33.42 1.42 6.58
N VAL A 24 -33.30 2.65 6.18
CA VAL A 24 -32.29 3.56 6.70
C VAL A 24 -32.95 4.81 7.26
N ASN A 25 -32.80 5.00 8.58
CA ASN A 25 -33.47 6.05 9.29
C ASN A 25 -35.00 6.08 8.94
N GLY A 26 -35.58 4.90 8.75
CA GLY A 26 -37.03 4.83 8.39
C GLY A 26 -37.39 4.90 6.93
N HIS A 27 -36.43 5.22 6.08
CA HIS A 27 -36.65 5.20 4.64
C HIS A 27 -36.49 3.78 4.11
N ARG A 28 -37.59 3.22 3.67
CA ARG A 28 -37.63 1.83 3.20
C ARG A 28 -37.37 1.75 1.70
N PHE A 29 -36.64 0.73 1.26
CA PHE A 29 -36.35 0.57 -0.11
C PHE A 29 -36.01 -0.89 -0.40
N SER A 30 -36.07 -1.25 -1.65
CA SER A 30 -35.64 -2.57 -2.08
C SER A 30 -34.75 -2.46 -3.34
N VAL A 31 -33.88 -3.42 -3.43
CA VAL A 31 -32.98 -3.57 -4.59
C VAL A 31 -33.02 -5.03 -5.07
N ARG A 32 -32.98 -5.20 -6.39
CA ARG A 32 -32.81 -6.48 -7.02
C ARG A 32 -31.66 -6.42 -7.99
N GLY A 33 -30.82 -7.41 -7.93
CA GLY A 33 -29.73 -7.51 -8.82
C GLY A 33 -29.68 -8.85 -9.52
N GLU A 34 -29.10 -8.89 -10.73
CA GLU A 34 -28.95 -10.09 -11.46
C GLU A 34 -27.63 -9.99 -12.22
N GLY A 35 -27.00 -11.11 -12.37
CA GLY A 35 -25.80 -11.21 -13.22
C GLY A 35 -25.16 -12.58 -13.16
N GLU A 36 -23.86 -12.65 -13.21
CA GLU A 36 -23.22 -13.94 -13.16
C GLU A 36 -21.81 -13.84 -12.62
N GLY A 37 -21.33 -14.95 -12.09
CA GLY A 37 -20.02 -15.02 -11.49
C GLY A 37 -19.21 -16.14 -12.04
N ASP A 38 -17.92 -15.94 -12.09
CA ASP A 38 -16.97 -16.89 -12.71
C ASP A 38 -15.88 -17.05 -11.71
N ALA A 39 -16.14 -17.88 -10.69
CA ALA A 39 -15.20 -17.95 -9.55
C ALA A 39 -13.81 -18.42 -9.88
N THR A 40 -13.71 -19.22 -10.96
CA THR A 40 -12.43 -19.68 -11.38
C THR A 40 -11.49 -18.52 -11.54
N TYR A 41 -11.97 -17.39 -12.08
CA TYR A 41 -11.11 -16.19 -12.21
C TYR A 41 -11.57 -15.02 -11.36
N GLY A 42 -12.27 -15.33 -10.31
CA GLY A 42 -12.63 -14.34 -9.27
C GLY A 42 -13.52 -13.22 -9.76
N MET A 43 -14.30 -13.42 -10.81
CA MET A 43 -14.97 -12.35 -11.47
C MET A 43 -16.46 -12.35 -11.27
N LEU A 44 -17.04 -11.16 -11.18
CA LEU A 44 -18.47 -11.03 -11.29
C LEU A 44 -18.92 -9.82 -11.96
N THR A 45 -20.11 -9.89 -12.57
CA THR A 45 -20.74 -8.77 -13.20
C THR A 45 -22.16 -8.80 -12.73
N LEU A 46 -22.67 -7.71 -12.18
CA LEU A 46 -23.99 -7.66 -11.69
C LEU A 46 -24.66 -6.36 -12.12
N ARG A 47 -25.93 -6.39 -12.27
CA ARG A 47 -26.68 -5.19 -12.50
C ARG A 47 -27.81 -5.10 -11.47
N PHE A 48 -27.92 -3.96 -10.81
CA PHE A 48 -28.85 -3.76 -9.69
C PHE A 48 -29.83 -2.65 -10.05
N ILE A 49 -31.10 -2.80 -9.62
CA ILE A 49 -32.08 -1.77 -9.79
C ILE A 49 -32.72 -1.50 -8.40
N CYS A 50 -33.14 -0.27 -8.15
CA CYS A 50 -33.96 -0.01 -7.01
C CYS A 50 -35.39 -0.26 -7.46
N THR A 51 -36.09 -1.17 -6.81
CA THR A 51 -37.42 -1.54 -7.32
C THR A 51 -38.49 -0.76 -6.65
N THR A 52 -38.18 0.18 -5.77
CA THR A 52 -39.11 0.98 -5.06
C THR A 52 -39.02 2.46 -5.40
N GLY A 53 -38.37 2.79 -6.46
CA GLY A 53 -38.29 4.23 -6.79
C GLY A 53 -36.82 4.64 -6.72
N ARG A 54 -36.53 5.57 -5.91
CA ARG A 54 -35.12 6.02 -5.75
C ARG A 54 -34.55 5.60 -4.46
N LEU A 55 -33.26 5.28 -4.50
CA LEU A 55 -32.56 4.85 -3.32
C LEU A 55 -32.42 6.07 -2.38
N PRO A 56 -32.53 5.89 -1.04
CA PRO A 56 -32.34 6.95 -0.15
C PRO A 56 -30.93 7.13 0.32
N VAL A 57 -30.05 6.22 -0.11
CA VAL A 57 -28.63 6.28 0.25
C VAL A 57 -27.80 6.06 -1.07
N PRO A 58 -26.55 6.46 -1.07
CA PRO A 58 -25.72 6.22 -2.30
C PRO A 58 -25.49 4.79 -2.55
N TRP A 59 -25.48 4.45 -3.85
CA TRP A 59 -25.08 3.09 -4.25
C TRP A 59 -23.79 2.54 -3.67
N PRO A 60 -22.73 3.39 -3.58
CA PRO A 60 -21.54 2.84 -3.05
C PRO A 60 -21.63 2.35 -1.66
N THR A 61 -22.58 2.84 -0.87
CA THR A 61 -22.72 2.38 0.53
C THR A 61 -23.28 0.98 0.60
N LEU A 62 -23.85 0.49 -0.49
CA LEU A 62 -24.48 -0.85 -0.55
C LEU A 62 -23.64 -1.89 -1.17
N VAL A 63 -22.50 -1.53 -1.79
CA VAL A 63 -21.69 -2.50 -2.55
C VAL A 63 -21.30 -3.72 -1.70
N THR A 64 -20.75 -3.45 -0.54
CA THR A 64 -20.23 -4.59 0.29
C THR A 64 -21.34 -5.54 0.73
N THR A 65 -22.52 -4.99 0.94
CA THR A 65 -23.66 -5.83 1.40
C THR A 65 -24.25 -6.64 0.19
N LEU A 66 -24.37 -5.97 -0.95
CA LEU A 66 -24.82 -6.61 -2.21
C LEU A 66 -23.83 -7.67 -2.69
N1 CRO A 67 -22.43 -7.45 -2.61
CA1 CRO A 67 -21.42 -8.41 -3.18
CB1 CRO A 67 -20.73 -7.97 -4.45
CG1 CRO A 67 -21.87 -7.80 -5.38
OG1 CRO A 67 -20.17 -6.65 -4.18
C1 CRO A 67 -20.55 -8.49 -2.02
N2 CRO A 67 -19.43 -7.81 -1.97
N3 CRO A 67 -20.81 -9.24 -0.92
C2 CRO A 67 -19.79 -9.10 -0.14
O2 CRO A 67 -19.60 -9.62 1.02
CA2 CRO A 67 -18.87 -8.16 -0.77
CA3 CRO A 67 -21.90 -10.10 -0.49
C3 CRO A 67 -21.97 -11.53 -0.92
O3 CRO A 67 -22.57 -12.32 -0.20
CB2 CRO A 67 -17.66 -7.67 -0.13
CG2 CRO A 67 -16.73 -6.65 -0.61
CD1 CRO A 67 -16.90 -6.10 -1.86
CD2 CRO A 67 -15.77 -6.20 0.23
CE1 CRO A 67 -16.02 -5.06 -2.30
CE2 CRO A 67 -14.86 -5.21 -0.19
CZ CRO A 67 -14.98 -4.66 -1.48
OH CRO A 67 -14.04 -3.70 -1.89
N VAL A 68 -21.02 -11.84 -2.03
CA VAL A 68 -21.02 -13.25 -2.54
C VAL A 68 -19.57 -13.62 -2.65
N GLN A 69 -18.93 -13.74 -1.49
CA GLN A 69 -17.53 -13.99 -1.44
C GLN A 69 -17.16 -15.44 -1.83
N CYS A 70 -18.16 -16.26 -2.04
CA CYS A 70 -18.00 -17.55 -2.73
C CYS A 70 -17.48 -17.42 -4.15
N PHE A 71 -17.54 -16.23 -4.78
CA PHE A 71 -16.96 -16.01 -6.10
C PHE A 71 -15.50 -15.56 -6.13
N ALA A 72 -14.83 -15.51 -4.97
CA ALA A 72 -13.43 -15.16 -4.97
C ALA A 72 -12.59 -16.29 -5.57
N ARG A 73 -11.53 -15.89 -6.27
CA ARG A 73 -10.50 -16.81 -6.67
C ARG A 73 -9.64 -17.20 -5.52
N TYR A 74 -9.72 -18.47 -5.15
CA TYR A 74 -8.76 -19.03 -4.19
C TYR A 74 -7.67 -19.73 -5.01
N PRO A 75 -6.41 -19.34 -4.95
CA PRO A 75 -5.37 -20.06 -5.71
C PRO A 75 -5.27 -21.49 -5.21
N ASP A 76 -4.62 -22.31 -6.01
CA ASP A 76 -4.51 -23.74 -5.76
C ASP A 76 -4.01 -24.11 -4.40
N HIS A 77 -2.93 -23.48 -3.99
CA HIS A 77 -2.37 -23.78 -2.68
C HIS A 77 -3.28 -23.36 -1.53
N MET A 78 -4.32 -22.54 -1.77
CA MET A 78 -5.21 -22.06 -0.71
C MET A 78 -6.56 -22.67 -0.73
N ARG A 79 -6.71 -23.72 -1.51
CA ARG A 79 -8.00 -24.35 -1.68
C ARG A 79 -8.58 -24.88 -0.39
N ARG A 80 -7.77 -25.29 0.57
CA ARG A 80 -8.35 -25.83 1.79
C ARG A 80 -8.81 -24.70 2.75
N HIS A 81 -8.68 -23.46 2.33
CA HIS A 81 -9.03 -22.30 3.14
C HIS A 81 -10.26 -21.57 2.59
N ASP A 82 -10.91 -22.17 1.59
CA ASP A 82 -12.12 -21.54 1.01
C ASP A 82 -13.38 -21.97 1.76
N PHE A 83 -13.64 -21.29 2.89
CA PHE A 83 -14.82 -21.52 3.68
C PHE A 83 -16.08 -21.40 2.80
N PHE A 84 -16.14 -20.32 2.02
CA PHE A 84 -17.36 -19.94 1.43
C PHE A 84 -17.90 -21.03 0.50
N LYS A 85 -17.08 -21.53 -0.40
CA LYS A 85 -17.56 -22.56 -1.32
C LYS A 85 -17.85 -23.87 -0.57
N SER A 86 -17.11 -24.15 0.48
CA SER A 86 -17.25 -25.45 1.24
C SER A 86 -18.61 -25.59 1.86
N THR A 87 -19.34 -24.49 2.08
CA THR A 87 -20.70 -24.55 2.58
C THR A 87 -21.75 -24.93 1.57
N MET A 88 -21.42 -24.90 0.28
CA MET A 88 -22.43 -24.92 -0.73
C MET A 88 -22.82 -26.39 -1.10
N PRO A 89 -24.05 -26.61 -1.54
CA PRO A 89 -25.08 -25.63 -1.87
C PRO A 89 -25.97 -25.05 -0.74
N GLU A 90 -25.91 -25.60 0.45
CA GLU A 90 -26.82 -25.17 1.55
C GLU A 90 -26.50 -23.71 2.03
N GLY A 91 -25.22 -23.37 1.95
CA GLY A 91 -24.77 -21.98 2.02
C GLY A 91 -24.56 -21.54 3.45
N TYR A 92 -24.62 -20.20 3.61
CA TYR A 92 -24.26 -19.55 4.83
C TYR A 92 -25.09 -18.29 5.11
N VAL A 93 -25.11 -17.91 6.38
CA VAL A 93 -25.66 -16.66 6.82
C VAL A 93 -24.43 -15.70 6.98
N GLN A 94 -24.53 -14.54 6.36
CA GLN A 94 -23.53 -13.46 6.54
C GLN A 94 -24.19 -12.31 7.26
N GLU A 95 -23.59 -11.91 8.40
CA GLU A 95 -24.05 -10.83 9.15
C GLU A 95 -22.92 -9.79 9.29
N ARG A 96 -23.31 -8.53 9.24
CA ARG A 96 -22.36 -7.45 9.44
C ARG A 96 -22.91 -6.35 10.24
N MET A 97 -21.95 -5.66 10.88
CA MET A 97 -22.21 -4.34 11.38
C MET A 97 -21.19 -3.45 10.64
N ILE A 98 -21.70 -2.35 10.09
CA ILE A 98 -20.93 -1.39 9.32
C ILE A 98 -21.05 -0.03 9.90
N TYR A 99 -19.96 0.48 10.46
CA TYR A 99 -19.92 1.82 11.09
C TYR A 99 -19.31 2.84 10.15
N PHE A 100 -20.08 3.82 9.77
CA PHE A 100 -19.70 4.90 8.89
C PHE A 100 -19.08 6.03 9.71
N GLU A 101 -17.88 6.44 9.31
CA GLU A 101 -17.20 7.56 9.94
C GLU A 101 -18.07 8.78 10.06
N ASP A 102 -18.20 9.29 11.28
CA ASP A 102 -18.93 10.55 11.54
C ASP A 102 -20.45 10.43 11.14
N ASP A 103 -20.99 9.21 11.19
CA ASP A 103 -22.39 9.02 10.66
C ASP A 103 -22.91 7.73 11.27
N GLY A 104 -23.93 7.16 10.68
CA GLY A 104 -24.65 6.05 11.22
C GLY A 104 -24.04 4.73 10.97
N ALA A 105 -24.83 3.70 11.18
CA ALA A 105 -24.41 2.35 11.00
C ALA A 105 -25.42 1.49 10.27
N TYR A 106 -24.93 0.56 9.48
CA TYR A 106 -25.76 -0.48 8.90
C TYR A 106 -25.60 -1.78 9.67
N ARG A 107 -26.71 -2.46 9.93
CA ARG A 107 -26.71 -3.83 10.36
C ARG A 107 -27.33 -4.69 9.31
N THR A 108 -26.67 -5.74 8.89
CA THR A 108 -27.15 -6.53 7.77
C THR A 108 -27.19 -8.00 8.13
N ARG A 109 -28.16 -8.67 7.56
CA ARG A 109 -28.19 -10.12 7.60
C ARG A 109 -28.58 -10.68 6.28
N ALA A 110 -27.86 -11.63 5.82
CA ALA A 110 -28.06 -12.18 4.52
C ALA A 110 -27.93 -13.73 4.50
N VAL A 111 -28.73 -14.32 3.65
CA VAL A 111 -28.59 -15.75 3.33
C VAL A 111 -28.06 -15.91 1.98
N VAL A 112 -26.99 -16.65 1.86
CA VAL A 112 -26.30 -16.89 0.62
C VAL A 112 -26.32 -18.42 0.38
N ARG A 113 -26.98 -18.80 -0.69
CA ARG A 113 -27.15 -20.25 -1.00
C ARG A 113 -27.67 -20.44 -2.38
N PHE A 114 -27.53 -21.69 -2.87
CA PHE A 114 -28.10 -22.02 -4.16
C PHE A 114 -29.60 -22.22 -4.07
N GLU A 115 -30.32 -21.66 -5.05
CA GLU A 115 -31.75 -21.97 -5.28
C GLU A 115 -31.78 -22.41 -6.68
N GLY A 116 -31.88 -23.74 -6.85
CA GLY A 116 -31.68 -24.30 -8.18
C GLY A 116 -30.23 -24.07 -8.62
N ASP A 117 -30.08 -23.65 -9.84
CA ASP A 117 -28.77 -23.48 -10.40
C ASP A 117 -28.18 -22.03 -10.06
N THR A 118 -29.01 -21.20 -9.43
CA THR A 118 -28.67 -19.80 -9.14
C THR A 118 -28.13 -19.62 -7.73
N LEU A 119 -27.02 -18.88 -7.64
CA LEU A 119 -26.53 -18.47 -6.34
C LEU A 119 -27.30 -17.17 -5.96
N VAL A 120 -27.96 -17.22 -4.83
CA VAL A 120 -28.88 -16.16 -4.44
C VAL A 120 -28.35 -15.57 -3.14
N ASN A 121 -28.32 -14.22 -3.10
CA ASN A 121 -27.97 -13.49 -1.89
C ASN A 121 -29.21 -12.70 -1.47
N ARG A 122 -29.85 -13.08 -0.36
CA ARG A 122 -31.03 -12.39 0.17
C ARG A 122 -30.73 -11.67 1.40
N ILE A 123 -30.93 -10.38 1.42
CA ILE A 123 -30.43 -9.52 2.45
C ILE A 123 -31.50 -8.64 3.11
N GLU A 124 -31.39 -8.44 4.43
CA GLU A 124 -32.07 -7.40 5.17
C GLU A 124 -31.06 -6.43 5.70
N LEU A 125 -31.32 -5.16 5.54
CA LEU A 125 -30.40 -4.10 6.00
C LEU A 125 -31.19 -3.08 6.82
N ARG A 126 -30.61 -2.69 7.93
CA ARG A 126 -31.20 -1.72 8.80
C ARG A 126 -30.14 -0.66 9.12
N GLY A 127 -30.42 0.56 8.75
CA GLY A 127 -29.51 1.65 9.06
C GLY A 127 -30.12 2.57 10.09
N THR A 128 -29.33 2.99 11.02
CA THR A 128 -29.75 3.85 12.13
C THR A 128 -28.74 4.98 12.37
N ASP A 129 -29.26 6.07 12.85
CA ASP A 129 -28.53 7.25 13.44
C ASP A 129 -27.73 7.99 12.37
N PHE A 130 -28.16 7.94 11.10
CA PHE A 130 -27.55 8.73 10.12
C PHE A 130 -27.94 10.16 10.25
N ARG A 131 -27.06 11.05 9.83
CA ARG A 131 -27.34 12.45 9.77
C ARG A 131 -28.07 12.78 8.49
N GLU A 132 -29.14 13.53 8.58
CA GLU A 132 -29.93 13.89 7.44
C GLU A 132 -29.19 14.69 6.40
N ASP A 133 -28.20 15.48 6.84
CA ASP A 133 -27.40 16.28 5.90
C ASP A 133 -25.92 15.81 5.90
N GLY A 134 -25.70 14.55 6.24
CA GLY A 134 -24.37 13.92 6.09
C GLY A 134 -24.11 13.49 4.64
N ASN A 135 -23.00 12.84 4.43
CA ASN A 135 -22.60 12.45 3.08
C ASN A 135 -23.51 11.35 2.53
N ILE A 136 -24.15 10.57 3.38
CA ILE A 136 -24.95 9.44 2.98
C ILE A 136 -26.33 9.87 2.63
N LEU A 137 -27.06 10.39 3.65
CA LEU A 137 -28.44 10.80 3.31
C LEU A 137 -28.45 12.07 2.49
N GLY A 138 -27.38 12.84 2.53
CA GLY A 138 -27.15 13.97 1.65
C GLY A 138 -26.55 13.71 0.23
N HIS A 139 -26.29 12.47 -0.11
CA HIS A 139 -25.80 12.04 -1.36
C HIS A 139 -24.61 12.85 -1.87
N ARG A 140 -23.52 12.81 -1.10
CA ARG A 140 -22.30 13.48 -1.44
C ARG A 140 -21.12 12.52 -1.60
N LEU A 141 -21.40 11.28 -1.82
CA LEU A 141 -20.38 10.27 -2.11
C LEU A 141 -20.25 10.12 -3.65
N GLU A 142 -19.02 10.09 -4.10
CA GLU A 142 -18.72 9.88 -5.57
C GLU A 142 -19.22 8.47 -5.93
N TYR A 143 -19.57 8.37 -7.20
CA TYR A 143 -19.99 7.03 -7.76
C TYR A 143 -18.79 6.29 -8.25
N ASN A 144 -18.05 5.72 -7.33
CA ASN A 144 -16.88 4.93 -7.57
C ASN A 144 -16.58 4.10 -6.38
N PHE A 145 -15.48 3.32 -6.46
CA PHE A 145 -15.17 2.37 -5.38
C PHE A 145 -13.71 2.11 -5.37
N ASN A 146 -13.14 2.00 -4.20
CA ASN A 146 -11.73 1.71 -4.03
C ASN A 146 -11.46 0.24 -3.92
N SER A 147 -10.16 -0.10 -3.94
CA SER A 147 -9.75 -1.51 -3.70
C SER A 147 -9.48 -1.75 -2.28
N HIS A 148 -9.88 -2.90 -1.72
CA HIS A 148 -9.85 -3.14 -0.33
C HIS A 148 -9.28 -4.51 0.03
N MET A 149 -8.98 -4.69 1.30
CA MET A 149 -8.40 -5.95 1.80
C MET A 149 -9.30 -6.46 2.89
N VAL A 150 -9.84 -7.67 2.82
CA VAL A 150 -10.77 -8.18 3.77
C VAL A 150 -10.01 -9.24 4.56
N TYR A 151 -9.90 -9.08 5.87
CA TYR A 151 -9.09 -10.01 6.68
C TYR A 151 -10.02 -11.07 7.25
N ILE A 152 -9.76 -12.32 6.92
CA ILE A 152 -10.59 -13.48 7.31
C ILE A 152 -9.94 -14.34 8.40
N MET A 153 -10.73 -14.69 9.40
CA MET A 153 -10.29 -15.42 10.61
C MET A 153 -11.29 -16.56 10.83
N ALA A 154 -10.79 -17.73 11.22
CA ALA A 154 -11.75 -18.79 11.59
C ALA A 154 -12.46 -18.45 12.91
N ASP A 155 -13.67 -18.89 13.02
CA ASP A 155 -14.45 -18.85 14.27
C ASP A 155 -14.87 -20.32 14.56
N ARG A 156 -14.03 -21.03 15.26
CA ARG A 156 -14.27 -22.45 15.61
C ARG A 156 -15.57 -22.71 16.39
N GLN A 157 -15.88 -21.88 17.34
CA GLN A 157 -17.16 -22.02 18.09
C GLN A 157 -18.38 -21.95 17.18
N ARG A 158 -18.39 -21.12 16.14
CA ARG A 158 -19.54 -20.95 15.29
C ARG A 158 -19.44 -21.88 14.07
N ASN A 159 -18.36 -22.63 13.97
CA ASN A 159 -18.06 -23.40 12.79
C ASN A 159 -18.06 -22.56 11.51
N GLY A 160 -17.43 -21.35 11.62
CA GLY A 160 -17.47 -20.46 10.45
C GLY A 160 -16.31 -19.50 10.56
N ILE A 161 -16.57 -18.26 10.11
CA ILE A 161 -15.53 -17.25 10.04
C ILE A 161 -16.02 -15.91 10.56
N ARG A 162 -15.00 -15.07 10.82
CA ARG A 162 -15.25 -13.63 11.00
C ARG A 162 -14.33 -12.90 10.06
N ALA A 163 -14.70 -11.63 9.77
CA ALA A 163 -13.86 -10.84 8.89
C ALA A 163 -13.92 -9.45 9.36
N MET A 164 -12.87 -8.68 9.04
CA MET A 164 -12.81 -7.27 9.47
C MET A 164 -12.13 -6.53 8.32
N PHE A 165 -12.65 -5.35 8.02
CA PHE A 165 -12.09 -4.49 7.00
C PHE A 165 -12.70 -3.09 7.04
N ASN A 166 -11.89 -2.12 6.58
CA ASN A 166 -12.38 -0.77 6.36
C ASN A 166 -12.58 -0.60 4.89
N THR A 167 -13.65 0.03 4.48
CA THR A 167 -13.73 0.54 3.11
C THR A 167 -13.50 2.05 3.19
N ARG A 168 -13.10 2.61 2.07
CA ARG A 168 -12.88 4.04 1.94
C ARG A 168 -13.69 4.55 0.81
N HIS A 169 -14.63 5.44 1.11
CA HIS A 169 -15.56 5.97 0.12
C HIS A 169 -15.19 7.38 -0.26
N ASN A 170 -14.90 7.64 -1.53
CA ASN A 170 -14.58 9.00 -1.90
C ASN A 170 -15.76 9.93 -1.80
N VAL A 171 -15.52 11.10 -1.20
CA VAL A 171 -16.50 12.12 -1.05
C VAL A 171 -16.28 13.20 -2.07
N GLU A 172 -17.32 13.84 -2.49
CA GLU A 172 -17.22 14.82 -3.53
C GLU A 172 -16.32 16.03 -3.22
N ASP A 173 -16.09 16.32 -1.98
CA ASP A 173 -15.10 17.38 -1.63
C ASP A 173 -13.62 16.92 -1.63
N GLY A 174 -13.33 15.71 -2.06
CA GLY A 174 -11.97 15.20 -2.16
C GLY A 174 -11.54 14.51 -0.90
N SER A 175 -12.35 14.43 0.13
CA SER A 175 -11.98 13.60 1.30
C SER A 175 -12.44 12.15 1.07
N GLU A 176 -12.02 11.25 1.99
CA GLU A 176 -12.52 9.85 2.07
C GLU A 176 -13.28 9.63 3.38
N GLN A 177 -14.36 8.87 3.29
CA GLN A 177 -15.14 8.51 4.48
C GLN A 177 -15.03 7.02 4.66
N VAL A 178 -14.55 6.63 5.84
CA VAL A 178 -14.31 5.22 6.14
C VAL A 178 -15.57 4.54 6.66
N ALA A 179 -15.71 3.27 6.29
CA ALA A 179 -16.75 2.37 6.89
C ALA A 179 -16.05 1.17 7.41
N MET A 180 -16.18 0.96 8.70
CA MET A 180 -15.59 -0.16 9.37
C MET A 180 -16.59 -1.31 9.42
N HIS A 181 -16.20 -2.42 8.84
CA HIS A 181 -17.04 -3.62 8.71
C HIS A 181 -16.58 -4.69 9.69
N TYR A 182 -17.55 -5.16 10.47
CA TYR A 182 -17.42 -6.37 11.30
C TYR A 182 -18.33 -7.43 10.69
N GLN A 183 -17.77 -8.56 10.34
CA GLN A 183 -18.54 -9.56 9.68
C GLN A 183 -18.43 -10.89 10.40
N GLN A 184 -19.50 -11.69 10.25
CA GLN A 184 -19.47 -13.10 10.71
C GLN A 184 -20.30 -13.93 9.76
N ASN A 185 -19.80 -15.13 9.44
CA ASN A 185 -20.50 -16.05 8.56
C ASN A 185 -20.63 -17.39 9.31
N THR A 186 -21.79 -17.98 9.15
CA THR A 186 -22.15 -19.25 9.84
C THR A 186 -22.80 -20.18 8.79
N PRO A 187 -22.35 -21.42 8.66
CA PRO A 187 -23.01 -22.32 7.72
C PRO A 187 -24.42 -22.63 8.08
N ILE A 188 -25.22 -22.84 7.06
CA ILE A 188 -26.63 -23.21 7.21
C ILE A 188 -26.82 -24.72 7.42
N GLY A 189 -26.07 -25.50 6.64
CA GLY A 189 -26.07 -27.01 6.82
C GLY A 189 -25.20 -27.45 8.00
N ASP A 190 -25.28 -28.73 8.31
CA ASP A 190 -24.39 -29.34 9.33
C ASP A 190 -23.26 -30.16 8.68
N GLY A 191 -23.15 -30.19 7.36
CA GLY A 191 -22.02 -30.82 6.67
C GLY A 191 -20.71 -30.26 7.19
N PRO A 192 -19.58 -30.93 6.90
CA PRO A 192 -18.32 -30.32 7.33
C PRO A 192 -17.99 -29.09 6.45
N VAL A 193 -17.17 -28.20 6.95
CA VAL A 193 -16.79 -27.00 6.22
C VAL A 193 -15.28 -26.89 6.35
N LEU A 194 -14.69 -25.99 5.59
CA LEU A 194 -13.30 -25.69 5.68
C LEU A 194 -13.20 -24.42 6.57
N LEU A 195 -12.57 -24.56 7.72
CA LEU A 195 -12.15 -23.43 8.56
C LEU A 195 -10.76 -22.97 8.19
N PRO A 196 -10.62 -21.71 7.80
CA PRO A 196 -9.35 -21.32 7.24
C PRO A 196 -8.32 -20.83 8.23
N ASP A 197 -7.06 -20.86 7.83
CA ASP A 197 -6.04 -20.05 8.51
C ASP A 197 -6.30 -18.58 8.09
N ASP A 198 -5.81 -17.66 8.91
CA ASP A 198 -5.96 -16.26 8.60
C ASP A 198 -5.45 -15.93 7.20
N HIS A 199 -6.17 -15.09 6.46
CA HIS A 199 -5.78 -14.74 5.14
C HIS A 199 -6.61 -13.55 4.69
N TYR A 200 -6.37 -13.04 3.50
CA TYR A 200 -7.15 -11.89 3.12
C TYR A 200 -7.75 -12.11 1.74
N LEU A 201 -8.74 -11.33 1.44
CA LEU A 201 -9.26 -11.19 0.09
C LEU A 201 -8.91 -9.77 -0.35
N TYR A 202 -8.38 -9.64 -1.54
CA TYR A 202 -8.12 -8.36 -2.16
CA TYR A 202 -8.11 -8.35 -2.15
C TYR A 202 -9.19 -8.12 -3.18
N THR A 203 -9.81 -6.91 -3.15
CA THR A 203 -10.92 -6.64 -4.02
C THR A 203 -10.67 -5.51 -4.99
N MET A 204 -11.24 -5.58 -6.15
CA MET A 204 -11.26 -4.46 -7.09
C MET A 204 -12.56 -4.39 -7.80
N SER A 205 -13.08 -3.17 -7.94
CA SER A 205 -14.48 -3.01 -8.37
C SER A 205 -14.55 -1.83 -9.35
N LEU A 206 -15.49 -1.85 -10.25
CA LEU A 206 -15.75 -0.73 -11.07
C LEU A 206 -17.27 -0.54 -11.16
N LEU A 207 -17.75 0.64 -10.77
CA LEU A 207 -19.13 0.94 -10.93
C LEU A 207 -19.40 1.67 -12.23
N SER A 208 -20.54 1.39 -12.87
CA SER A 208 -20.88 2.11 -14.06
C SER A 208 -22.38 2.30 -14.19
N VAL A 209 -22.80 3.07 -15.18
CA VAL A 209 -24.12 3.47 -15.40
C VAL A 209 -24.52 2.99 -16.81
N ASP A 210 -25.72 2.51 -16.98
CA ASP A 210 -26.32 2.24 -18.32
C ASP A 210 -27.09 3.48 -18.73
N PRO A 211 -26.65 4.17 -19.82
CA PRO A 211 -27.24 5.47 -20.13
C PRO A 211 -28.71 5.33 -20.55
N ASN A 212 -29.16 4.14 -20.90
CA ASN A 212 -30.56 3.98 -21.19
C ASN A 212 -31.42 3.40 -20.09
N GLU A 213 -30.87 3.21 -18.90
CA GLU A 213 -31.73 2.73 -17.80
C GLU A 213 -32.20 3.96 -17.08
N ARG A 214 -33.50 4.20 -17.11
CA ARG A 214 -34.13 5.28 -16.39
C ARG A 214 -34.32 4.98 -14.91
N ARG A 215 -34.40 3.71 -14.54
CA ARG A 215 -34.46 3.44 -13.12
C ARG A 215 -33.14 3.81 -12.37
N ASP A 216 -33.25 4.07 -11.07
CA ASP A 216 -32.06 4.20 -10.22
C ASP A 216 -31.41 2.83 -10.21
N HIS A 217 -30.14 2.81 -10.57
CA HIS A 217 -29.42 1.57 -10.84
C HIS A 217 -27.89 1.69 -10.73
N MET A 218 -27.29 0.55 -10.65
CA MET A 218 -25.83 0.36 -10.58
C MET A 218 -25.43 -0.86 -11.34
N VAL A 219 -24.46 -0.69 -12.24
CA VAL A 219 -23.75 -1.78 -12.84
C VAL A 219 -22.42 -2.00 -12.16
N LEU A 220 -22.09 -3.23 -11.82
CA LEU A 220 -20.89 -3.49 -11.04
C LEU A 220 -20.08 -4.62 -11.67
N ARG A 221 -18.77 -4.40 -11.81
CA ARG A 221 -17.82 -5.46 -12.17
C ARG A 221 -16.83 -5.58 -11.06
N GLU A 222 -16.48 -6.78 -10.67
CA GLU A 222 -15.61 -6.98 -9.52
C GLU A 222 -14.69 -8.12 -9.75
N PHE A 223 -13.49 -8.01 -9.22
CA PHE A 223 -12.51 -9.09 -9.21
C PHE A 223 -11.98 -9.27 -7.83
N VAL A 224 -12.06 -10.48 -7.30
CA VAL A 224 -11.64 -10.73 -5.93
C VAL A 224 -10.78 -11.98 -5.90
N MET A 225 -9.65 -11.90 -5.23
CA MET A 225 -8.77 -13.07 -5.05
C MET A 225 -8.29 -13.15 -3.62
N ALA A 226 -7.98 -14.35 -3.19
CA ALA A 226 -7.49 -14.65 -1.88
C ALA A 226 -5.98 -14.72 -1.89
N ALA A 227 -5.38 -14.31 -0.81
CA ALA A 227 -3.92 -14.31 -0.71
C ALA A 227 -3.53 -14.38 0.76
N GLY A 228 -2.25 -14.61 0.99
CA GLY A 228 -1.63 -14.51 2.35
C GLY A 228 -1.38 -15.80 3.09
N ILE A 229 -1.50 -16.95 2.39
CA ILE A 229 -0.87 -18.25 2.80
C ILE A 229 0.13 -18.81 1.75
N SER B 4 -4.11 -19.22 35.16
CA SER B 4 -4.22 -18.53 33.82
C SER B 4 -3.02 -17.55 33.68
N ARG B 5 -2.18 -17.83 32.68
CA ARG B 5 -0.85 -17.18 32.44
C ARG B 5 -0.79 -16.89 30.97
N GLY B 6 0.03 -15.93 30.59
CA GLY B 6 0.14 -15.43 29.27
C GLY B 6 -1.15 -15.42 28.45
N GLU B 7 -1.09 -16.08 27.30
CA GLU B 7 -2.20 -16.27 26.34
C GLU B 7 -3.56 -16.61 26.92
N GLU B 8 -3.58 -17.45 27.94
CA GLU B 8 -4.82 -17.91 28.56
C GLU B 8 -5.62 -16.78 29.19
N LEU B 9 -4.95 -15.70 29.62
CA LEU B 9 -5.65 -14.60 30.19
C LEU B 9 -6.54 -13.81 29.14
N PHE B 10 -6.34 -14.08 27.87
CA PHE B 10 -6.97 -13.31 26.74
C PHE B 10 -7.93 -14.12 25.88
N THR B 11 -8.30 -15.32 26.35
CA THR B 11 -9.13 -16.19 25.52
C THR B 11 -10.60 -15.68 25.44
N GLY B 12 -11.05 -14.91 26.42
CA GLY B 12 -12.36 -14.30 26.33
C GLY B 12 -12.22 -12.77 26.18
N VAL B 13 -13.29 -12.12 26.60
CA VAL B 13 -13.40 -10.66 26.65
C VAL B 13 -12.78 -10.19 27.95
N VAL B 14 -11.84 -9.25 27.91
CA VAL B 14 -11.17 -8.73 29.10
C VAL B 14 -11.48 -7.26 29.31
N PRO B 15 -11.85 -6.86 30.50
CA PRO B 15 -12.13 -5.45 30.71
C PRO B 15 -10.82 -4.67 30.70
N ILE B 16 -10.87 -3.45 30.26
CA ILE B 16 -9.74 -2.56 30.15
C ILE B 16 -9.94 -1.23 30.84
N LEU B 17 -8.88 -0.76 31.51
CA LEU B 17 -8.85 0.50 32.11
C LEU B 17 -7.56 1.25 31.64
N VAL B 18 -7.76 2.51 31.22
CA VAL B 18 -6.64 3.33 30.80
C VAL B 18 -6.60 4.58 31.58
N GLU B 19 -5.43 4.93 32.11
CA GLU B 19 -5.31 6.21 32.84
C GLU B 19 -4.08 6.92 32.32
N LEU B 20 -4.25 8.16 31.85
CA LEU B 20 -3.14 8.96 31.36
C LEU B 20 -3.05 10.26 32.11
N ASP B 21 -1.81 10.62 32.53
CA ASP B 21 -1.48 11.93 33.07
C ASP B 21 -0.53 12.58 32.07
N GLY B 22 -0.91 13.75 31.62
CA GLY B 22 -0.24 14.42 30.51
C GLY B 22 0.14 15.85 30.84
N ASP B 23 1.17 16.27 30.12
CA ASP B 23 1.61 17.68 30.17
C ASP B 23 2.28 17.96 28.84
N VAL B 24 1.68 18.88 28.13
CA VAL B 24 2.14 19.32 26.82
C VAL B 24 2.39 20.80 26.81
N ASN B 25 3.64 21.20 26.65
CA ASN B 25 4.04 22.57 26.74
C ASN B 25 3.53 23.20 28.04
N GLY B 26 3.52 22.43 29.12
CA GLY B 26 3.03 22.94 30.43
C GLY B 26 1.55 22.86 30.68
N HIS B 27 0.77 22.50 29.68
CA HIS B 27 -0.66 22.28 29.85
C HIS B 27 -0.90 20.87 30.39
N ARG B 28 -1.35 20.79 31.58
CA ARG B 28 -1.58 19.51 32.28
C ARG B 28 -3.00 19.01 32.04
N PHE B 29 -3.17 17.71 31.90
CA PHE B 29 -4.45 17.14 31.68
C PHE B 29 -4.42 15.68 32.07
N SER B 30 -5.59 15.07 32.25
CA SER B 30 -5.71 13.68 32.48
C SER B 30 -6.85 13.07 31.65
N VAL B 31 -6.66 11.81 31.34
CA VAL B 31 -7.64 11.07 30.56
C VAL B 31 -7.87 9.69 31.28
N ARG B 32 -9.11 9.23 31.31
CA ARG B 32 -9.49 7.95 31.75
C ARG B 32 -10.32 7.27 30.70
N GLY B 33 -9.96 6.04 30.41
CA GLY B 33 -10.70 5.26 29.48
C GLY B 33 -11.14 3.94 30.08
N GLU B 34 -12.25 3.40 29.56
CA GLU B 34 -12.74 2.10 29.96
C GLU B 34 -13.33 1.43 28.73
N GLY B 35 -13.19 0.14 28.70
CA GLY B 35 -13.89 -0.68 27.72
C GLY B 35 -13.47 -2.14 27.78
N GLU B 36 -13.34 -2.81 26.66
CA GLU B 36 -13.02 -4.20 26.70
C GLU B 36 -12.33 -4.64 25.43
N GLY B 37 -11.54 -5.71 25.55
CA GLY B 37 -10.78 -6.24 24.45
C GLY B 37 -11.01 -7.71 24.26
N ASP B 38 -10.94 -8.13 23.02
CA ASP B 38 -11.31 -9.49 22.61
C ASP B 38 -10.19 -9.94 21.71
N ALA B 39 -9.06 -10.31 22.37
CA ALA B 39 -7.84 -10.57 21.63
C ALA B 39 -7.92 -11.68 20.62
N THR B 40 -8.79 -12.65 20.88
CA THR B 40 -8.97 -13.71 19.94
C THR B 40 -9.21 -13.17 18.56
N TYR B 41 -9.99 -12.10 18.43
CA TYR B 41 -10.23 -11.47 17.13
C TYR B 41 -9.67 -10.07 17.00
N GLY B 42 -8.64 -9.81 17.78
CA GLY B 42 -7.88 -8.57 17.63
C GLY B 42 -8.65 -7.28 17.89
N MET B 43 -9.73 -7.32 18.65
CA MET B 43 -10.64 -6.20 18.74
C MET B 43 -10.62 -5.53 20.07
N LEU B 44 -10.80 -4.21 20.07
CA LEU B 44 -10.94 -3.40 21.26
C LEU B 44 -12.03 -2.40 21.03
N THR B 45 -12.75 -2.03 22.07
CA THR B 45 -13.65 -0.91 22.08
C THR B 45 -13.40 -0.18 23.39
N LEU B 46 -13.14 1.09 23.34
CA LEU B 46 -12.79 1.87 24.45
C LEU B 46 -13.51 3.21 24.38
N ARG B 47 -13.84 3.73 25.54
CA ARG B 47 -14.31 5.09 25.63
C ARG B 47 -13.47 5.89 26.58
N PHE B 48 -13.06 7.07 26.14
CA PHE B 48 -12.10 7.92 26.91
C PHE B 48 -12.78 9.24 27.24
N ILE B 49 -12.51 9.78 28.43
CA ILE B 49 -12.95 11.09 28.83
C ILE B 49 -11.72 11.90 29.31
N CYS B 50 -11.70 13.19 29.08
CA CYS B 50 -10.72 14.06 29.68
C CYS B 50 -11.32 14.41 31.08
N THR B 51 -10.60 14.07 32.15
CA THR B 51 -11.18 14.29 33.47
C THR B 51 -10.80 15.59 34.04
N THR B 52 -10.11 16.45 33.35
CA THR B 52 -9.65 17.72 33.78
C THR B 52 -10.25 18.88 33.01
N GLY B 53 -11.28 18.64 32.25
CA GLY B 53 -11.83 19.78 31.51
C GLY B 53 -11.66 19.44 30.01
N ARG B 54 -11.02 20.29 29.32
CA ARG B 54 -10.82 20.07 27.87
C ARG B 54 -9.41 19.69 27.59
N LEU B 55 -9.23 18.82 26.59
CA LEU B 55 -7.93 18.39 26.23
C LEU B 55 -7.19 19.55 25.57
N PRO B 56 -5.86 19.71 25.76
CA PRO B 56 -5.17 20.77 25.12
C PRO B 56 -4.56 20.40 23.82
N VAL B 57 -4.73 19.11 23.43
CA VAL B 57 -4.21 18.61 22.15
C VAL B 57 -5.35 17.78 21.51
N PRO B 58 -5.24 17.50 20.20
CA PRO B 58 -6.34 16.68 19.57
C PRO B 58 -6.29 15.28 20.05
N TRP B 59 -7.50 14.68 20.17
CA TRP B 59 -7.56 13.26 20.47
C TRP B 59 -6.74 12.34 19.61
N PRO B 60 -6.68 12.55 18.30
CA PRO B 60 -5.92 11.66 17.48
C PRO B 60 -4.48 11.57 17.81
N THR B 61 -3.89 12.64 18.44
CA THR B 61 -2.51 12.61 18.81
C THR B 61 -2.25 11.68 19.98
N LEU B 62 -3.29 11.26 20.70
CA LEU B 62 -3.17 10.40 21.88
C LEU B 62 -3.50 8.96 21.60
N VAL B 63 -4.04 8.63 20.43
CA VAL B 63 -4.56 7.25 20.20
C VAL B 63 -3.45 6.18 20.43
N THR B 64 -2.30 6.39 19.83
CA THR B 64 -1.23 5.39 19.93
C THR B 64 -0.74 5.17 21.35
N THR B 65 -0.77 6.22 22.13
CA THR B 65 -0.32 6.15 23.55
C THR B 65 -1.40 5.46 24.44
N LEU B 66 -2.66 5.84 24.25
CA LEU B 66 -3.83 5.18 24.87
C LEU B 66 -3.97 3.73 24.49
N1 CRO B 67 -3.78 3.30 23.15
CA1 CRO B 67 -4.04 1.92 22.71
CB1 CRO B 67 -5.27 1.79 21.83
CG1 CRO B 67 -6.43 2.16 22.75
OG1 CRO B 67 -5.18 2.65 20.67
C1 CRO B 67 -2.82 1.66 22.01
N2 CRO B 67 -2.67 1.73 20.65
N3 CRO B 67 -1.64 1.36 22.63
C2 CRO B 67 -0.76 1.17 21.66
O2 CRO B 67 0.49 0.93 21.78
CA2 CRO B 67 -1.39 1.47 20.40
CA3 CRO B 67 -1.31 1.25 24.03
C3 CRO B 67 -1.31 -0.05 24.63
O3 CRO B 67 -0.68 -0.31 25.63
CB2 CRO B 67 -0.74 1.48 19.12
CG2 CRO B 67 -1.33 1.80 17.82
CD1 CRO B 67 -2.70 2.11 17.63
CD2 CRO B 67 -0.40 1.86 16.78
CE1 CRO B 67 -3.11 2.54 16.36
CE2 CRO B 67 -0.82 2.26 15.54
CZ CRO B 67 -2.17 2.53 15.33
OH CRO B 67 -2.61 2.86 14.07
N VAL B 68 -2.27 -0.98 24.02
CA VAL B 68 -2.48 -2.31 24.73
C VAL B 68 -2.35 -3.32 23.58
N GLN B 69 -1.14 -3.46 23.08
CA GLN B 69 -0.87 -4.30 21.98
C GLN B 69 -0.95 -5.83 22.31
N CYS B 70 -1.11 -6.14 23.55
CA CYS B 70 -1.56 -7.44 24.00
C CYS B 70 -2.91 -7.88 23.48
N PHE B 71 -3.73 -6.95 22.95
CA PHE B 71 -5.00 -7.31 22.29
C PHE B 71 -4.93 -7.62 20.82
N ALA B 72 -3.75 -7.63 20.22
CA ALA B 72 -3.63 -8.00 18.81
C ALA B 72 -3.91 -9.48 18.61
N ARG B 73 -4.53 -9.77 17.47
CA ARG B 73 -4.66 -11.13 17.01
C ARG B 73 -3.34 -11.60 16.42
N TYR B 74 -2.73 -12.54 17.11
CA TYR B 74 -1.58 -13.29 16.55
C TYR B 74 -2.12 -14.58 15.93
N PRO B 75 -2.00 -14.82 14.64
CA PRO B 75 -2.51 -16.05 14.06
C PRO B 75 -1.74 -17.25 14.62
N ASP B 76 -2.32 -18.41 14.44
CA ASP B 76 -1.80 -19.63 15.08
C ASP B 76 -0.37 -19.93 14.83
N HIS B 77 0.05 -19.82 13.60
CA HIS B 77 1.45 -20.04 13.25
C HIS B 77 2.40 -19.02 13.86
N MET B 78 1.90 -17.86 14.37
CA MET B 78 2.78 -16.81 14.93
C MET B 78 2.71 -16.73 16.42
N ARG B 79 2.12 -17.73 17.04
CA ARG B 79 1.90 -17.69 18.47
C ARG B 79 3.19 -17.58 19.27
N ARG B 80 4.30 -18.11 18.77
CA ARG B 80 5.50 -18.04 19.58
C ARG B 80 6.16 -16.65 19.49
N HIS B 81 5.56 -15.73 18.75
CA HIS B 81 6.09 -14.40 18.52
C HIS B 81 5.29 -13.32 19.24
N ASP B 82 4.33 -13.73 20.07
CA ASP B 82 3.50 -12.78 20.81
C ASP B 82 4.15 -12.43 22.16
N PHE B 83 5.09 -11.47 22.08
CA PHE B 83 5.77 -11.00 23.26
C PHE B 83 4.74 -10.48 24.29
N PHE B 84 3.78 -9.69 23.80
CA PHE B 84 2.99 -8.92 24.70
C PHE B 84 2.20 -9.81 25.67
N LYS B 85 1.52 -10.85 25.16
CA LYS B 85 0.78 -11.68 26.04
C LYS B 85 1.68 -12.53 26.95
N SER B 86 2.86 -12.88 26.44
CA SER B 86 3.80 -13.78 27.22
C SER B 86 4.28 -13.13 28.49
N THR B 87 4.21 -11.81 28.62
CA THR B 87 4.56 -11.10 29.87
C THR B 87 3.51 -11.16 30.93
N MET B 88 2.29 -11.57 30.61
CA MET B 88 1.17 -11.32 31.47
C MET B 88 1.02 -12.51 32.49
N PRO B 89 0.49 -12.23 33.67
CA PRO B 89 -0.13 -10.98 34.10
C PRO B 89 0.77 -9.85 34.65
N GLU B 90 2.05 -10.09 34.90
CA GLU B 90 2.92 -9.10 35.52
C GLU B 90 3.16 -7.85 34.53
N GLY B 91 3.19 -8.17 33.25
CA GLY B 91 3.10 -7.13 32.22
C GLY B 91 4.43 -6.55 31.83
N TYR B 92 4.34 -5.35 31.24
CA TYR B 92 5.44 -4.66 30.65
C TYR B 92 5.38 -3.15 30.77
N VAL B 93 6.56 -2.54 30.64
CA VAL B 93 6.71 -1.11 30.51
C VAL B 93 6.83 -0.82 29.01
N GLN B 94 6.04 0.12 28.53
CA GLN B 94 6.11 0.56 27.13
C GLN B 94 6.52 2.03 27.18
N GLU B 95 7.63 2.32 26.49
CA GLU B 95 8.11 3.66 26.40
C GLU B 95 8.20 4.07 24.93
N ARG B 96 7.86 5.35 24.68
CA ARG B 96 8.02 5.87 23.33
C ARG B 96 8.53 7.24 23.30
N MET B 97 9.15 7.53 22.16
CA MET B 97 9.37 8.92 21.77
C MET B 97 8.59 9.04 20.45
N ILE B 98 7.82 10.13 20.34
CA ILE B 98 6.99 10.41 19.21
C ILE B 98 7.29 11.79 18.68
N TYR B 99 7.87 11.85 17.50
CA TYR B 99 8.26 13.12 16.88
C TYR B 99 7.23 13.49 15.81
N PHE B 100 6.58 14.63 16.01
CA PHE B 100 5.60 15.20 15.11
C PHE B 100 6.29 16.03 14.07
N GLU B 101 5.97 15.76 12.81
CA GLU B 101 6.44 16.57 11.70
C GLU B 101 6.22 18.03 11.90
N ASP B 102 7.29 18.79 11.75
CA ASP B 102 7.22 20.27 11.85
C ASP B 102 6.68 20.77 13.24
N ASP B 103 6.87 19.96 14.30
CA ASP B 103 6.26 20.36 15.60
C ASP B 103 7.02 19.64 16.68
N GLY B 104 6.41 19.50 17.86
CA GLY B 104 7.07 18.98 19.02
C GLY B 104 7.15 17.49 19.08
N ALA B 105 7.47 17.00 20.28
CA ALA B 105 7.55 15.60 20.55
C ALA B 105 6.85 15.18 21.82
N TYR B 106 6.28 13.97 21.79
CA TYR B 106 5.85 13.33 23.04
C TYR B 106 6.82 12.30 23.51
N ARG B 107 7.07 12.29 24.84
CA ARG B 107 7.73 11.18 25.49
C ARG B 107 6.76 10.49 26.40
N THR B 108 6.63 9.19 26.30
CA THR B 108 5.65 8.48 27.09
C THR B 108 6.23 7.31 27.81
N ARG B 109 5.67 7.04 28.98
CA ARG B 109 5.99 5.84 29.71
C ARG B 109 4.78 5.24 30.28
N ALA B 110 4.59 3.98 30.08
CA ALA B 110 3.37 3.33 30.50
C ALA B 110 3.65 1.96 31.10
N VAL B 111 2.83 1.60 32.08
CA VAL B 111 2.82 0.26 32.63
C VAL B 111 1.57 -0.43 32.23
N VAL B 112 1.70 -1.57 31.62
CA VAL B 112 0.63 -2.35 31.10
C VAL B 112 0.66 -3.72 31.84
N ARG B 113 -0.40 -3.97 32.58
CA ARG B 113 -0.47 -5.23 33.38
C ARG B 113 -1.86 -5.44 33.92
N PHE B 114 -2.11 -6.66 34.41
CA PHE B 114 -3.36 -6.97 35.02
C PHE B 114 -3.42 -6.43 36.45
N GLU B 115 -4.56 -5.83 36.79
CA GLU B 115 -4.92 -5.51 38.18
C GLU B 115 -6.21 -6.21 38.39
N GLY B 116 -6.12 -7.35 39.10
CA GLY B 116 -7.24 -8.26 39.14
C GLY B 116 -7.60 -8.79 37.78
N ASP B 117 -8.87 -8.74 37.41
CA ASP B 117 -9.25 -9.31 36.15
C ASP B 117 -9.13 -8.26 34.97
N THR B 118 -8.77 -7.02 35.34
CA THR B 118 -8.69 -5.88 34.38
C THR B 118 -7.30 -5.68 33.84
N LEU B 119 -7.21 -5.53 32.52
CA LEU B 119 -5.95 -5.13 31.93
C LEU B 119 -5.90 -3.58 32.00
N VAL B 120 -4.86 -3.07 32.62
CA VAL B 120 -4.74 -1.66 32.93
C VAL B 120 -3.52 -1.09 32.21
N ASN B 121 -3.70 0.05 31.55
CA ASN B 121 -2.64 0.80 30.92
C ASN B 121 -2.53 2.16 31.64
N ARG B 122 -1.43 2.36 32.39
CA ARG B 122 -1.21 3.60 33.11
C ARG B 122 -0.07 4.34 32.56
N ILE B 123 -0.33 5.55 32.09
CA ILE B 123 0.60 6.29 31.30
C ILE B 123 0.95 7.66 31.83
N GLU B 124 2.23 8.07 31.65
CA GLU B 124 2.66 9.46 31.79
C GLU B 124 3.13 9.93 30.43
N LEU B 125 2.68 11.12 30.06
CA LEU B 125 3.06 11.69 28.76
C LEU B 125 3.58 13.11 29.00
N ARG B 126 4.68 13.41 28.35
CA ARG B 126 5.28 14.72 28.39
C ARG B 126 5.54 15.21 26.96
N GLY B 127 4.94 16.29 26.58
CA GLY B 127 5.15 16.90 25.31
C GLY B 127 5.91 18.20 25.45
N THR B 128 6.88 18.39 24.58
CA THR B 128 7.72 19.55 24.55
C THR B 128 7.88 20.14 23.16
N ASP B 129 8.11 21.43 23.12
CA ASP B 129 8.54 22.21 21.93
C ASP B 129 7.45 22.31 20.88
N PHE B 130 6.17 22.20 21.26
CA PHE B 130 5.14 22.35 20.31
C PHE B 130 4.95 23.77 19.96
N ARG B 131 4.50 24.04 18.75
CA ARG B 131 4.16 25.37 18.34
C ARG B 131 2.76 25.74 18.81
N GLU B 132 2.61 26.91 19.37
CA GLU B 132 1.33 27.30 19.91
C GLU B 132 0.23 27.44 18.87
N ASP B 133 0.62 27.77 17.65
CA ASP B 133 -0.32 27.89 16.55
C ASP B 133 -0.07 26.81 15.44
N GLY B 134 0.49 25.70 15.83
CA GLY B 134 0.62 24.53 14.98
C GLY B 134 -0.62 23.71 14.87
N ASN B 135 -0.55 22.56 14.20
CA ASN B 135 -1.78 21.80 14.01
C ASN B 135 -2.28 21.15 15.32
N ILE B 136 -1.36 20.95 16.28
CA ILE B 136 -1.64 20.20 17.48
C ILE B 136 -2.25 21.15 18.49
N LEU B 137 -1.47 22.10 18.93
CA LEU B 137 -1.99 23.07 19.91
C LEU B 137 -3.02 24.01 19.33
N GLY B 138 -3.03 24.18 18.03
CA GLY B 138 -4.05 24.85 17.27
C GLY B 138 -5.30 24.06 16.84
N HIS B 139 -5.38 22.80 17.19
CA HIS B 139 -6.47 21.95 16.94
C HIS B 139 -6.97 21.99 15.49
N ARG B 140 -6.09 21.62 14.59
CA ARG B 140 -6.38 21.56 13.18
C ARG B 140 -6.24 20.15 12.62
N LEU B 141 -6.27 19.16 13.47
CA LEU B 141 -6.27 17.75 13.02
C LEU B 141 -7.71 17.24 12.91
N GLU B 142 -8.00 16.56 11.83
CA GLU B 142 -9.33 15.91 11.66
C GLU B 142 -9.54 14.86 12.74
N TYR B 143 -10.76 14.66 13.08
CA TYR B 143 -11.15 13.60 14.05
C TYR B 143 -11.32 12.27 13.36
N ASN B 144 -10.21 11.67 12.97
CA ASN B 144 -10.17 10.40 12.34
C ASN B 144 -8.83 9.80 12.46
N PHE B 145 -8.63 8.60 11.89
CA PHE B 145 -7.40 7.86 12.09
C PHE B 145 -7.16 6.98 10.92
N ASN B 146 -5.93 6.87 10.48
CA ASN B 146 -5.56 6.00 9.39
C ASN B 146 -5.14 4.64 9.86
N SER B 147 -4.94 3.73 8.88
CA SER B 147 -4.40 2.40 9.21
C SER B 147 -2.93 2.38 9.10
N HIS B 148 -2.26 1.67 10.01
CA HIS B 148 -0.81 1.75 10.13
C HIS B 148 -0.17 0.38 10.22
N MET B 149 1.14 0.36 10.05
CA MET B 149 1.95 -0.86 10.23
C MET B 149 2.95 -0.65 11.28
N VAL B 150 3.04 -1.44 12.32
CA VAL B 150 3.97 -1.29 13.40
C VAL B 150 5.03 -2.38 13.22
N TYR B 151 6.29 -2.00 13.06
CA TYR B 151 7.33 -3.03 12.84
C TYR B 151 7.97 -3.40 14.15
N ILE B 152 7.91 -4.65 14.50
CA ILE B 152 8.40 -5.21 15.78
C ILE B 152 9.72 -6.03 15.62
N MET B 153 10.66 -5.77 16.52
CA MET B 153 12.00 -6.32 16.52
C MET B 153 12.31 -6.78 17.94
N ALA B 154 12.91 -7.94 18.11
CA ALA B 154 13.41 -8.30 19.41
C ALA B 154 14.53 -7.40 19.89
N ASP B 155 14.59 -7.20 21.19
CA ASP B 155 15.68 -6.54 21.88
C ASP B 155 16.19 -7.57 22.94
N ARG B 156 17.08 -8.42 22.53
CA ARG B 156 17.60 -9.49 23.41
C ARG B 156 18.29 -8.99 24.67
N GLN B 157 19.07 -7.95 24.58
CA GLN B 157 19.67 -7.35 25.82
C GLN B 157 18.64 -6.92 26.85
N ARG B 158 17.50 -6.37 26.44
CA ARG B 158 16.51 -5.86 27.39
C ARG B 158 15.46 -6.96 27.70
N ASN B 159 15.61 -8.13 27.10
CA ASN B 159 14.62 -9.18 27.19
C ASN B 159 13.22 -8.71 26.76
N GLY B 160 13.19 -7.97 25.64
CA GLY B 160 11.90 -7.40 25.21
C GLY B 160 11.98 -7.05 23.75
N ILE B 161 11.30 -5.95 23.38
CA ILE B 161 11.14 -5.60 21.97
C ILE B 161 11.37 -4.13 21.77
N ARG B 162 11.57 -3.79 20.48
CA ARG B 162 11.45 -2.41 20.02
C ARG B 162 10.48 -2.41 18.86
N ALA B 163 9.97 -1.21 18.59
CA ALA B 163 9.05 -1.08 17.47
C ALA B 163 9.29 0.25 16.86
N MET B 164 8.95 0.38 15.59
CA MET B 164 9.14 1.63 14.84
C MET B 164 7.99 1.73 13.86
N PHE B 165 7.42 2.93 13.77
CA PHE B 165 6.32 3.20 12.85
C PHE B 165 6.01 4.67 12.73
N ASN B 166 5.49 5.05 11.55
CA ASN B 166 4.98 6.40 11.32
C ASN B 166 3.51 6.31 11.38
N THR B 167 2.86 7.28 12.02
CA THR B 167 1.42 7.47 11.82
C THR B 167 1.25 8.65 10.94
N ARG B 168 0.11 8.73 10.28
CA ARG B 168 -0.21 9.81 9.39
C ARG B 168 -1.55 10.37 9.87
N HIS B 169 -1.53 11.64 10.25
CA HIS B 169 -2.69 12.32 10.80
C HIS B 169 -3.29 13.26 9.80
N ASN B 170 -4.54 13.08 9.39
CA ASN B 170 -5.11 14.03 8.48
C ASN B 170 -5.30 15.42 9.08
N VAL B 171 -4.90 16.44 8.33
CA VAL B 171 -5.05 17.82 8.71
C VAL B 171 -6.23 18.44 7.99
N GLU B 172 -6.86 19.41 8.61
CA GLU B 172 -8.04 19.98 8.04
C GLU B 172 -7.88 20.64 6.66
N ASP B 173 -6.70 21.06 6.31
CA ASP B 173 -6.45 21.57 4.95
C ASP B 173 -6.19 20.48 3.89
N GLY B 174 -6.36 19.22 4.21
CA GLY B 174 -6.19 18.13 3.27
C GLY B 174 -4.80 17.61 3.22
N SER B 175 -3.85 18.15 3.99
CA SER B 175 -2.53 17.52 4.08
C SER B 175 -2.51 16.44 5.15
N GLU B 176 -1.37 15.70 5.23
CA GLU B 176 -1.15 14.70 6.35
C GLU B 176 0.08 15.14 7.16
N GLN B 177 0.00 14.95 8.44
CA GLN B 177 1.14 15.27 9.34
C GLN B 177 1.61 13.96 9.94
N VAL B 178 2.87 13.64 9.71
CA VAL B 178 3.45 12.39 10.16
C VAL B 178 3.94 12.52 11.62
N ALA B 179 3.77 11.43 12.36
CA ALA B 179 4.41 11.25 13.66
C ALA B 179 5.21 9.99 13.64
N MET B 180 6.50 10.14 13.91
CA MET B 180 7.40 9.04 13.90
C MET B 180 7.57 8.51 15.33
N HIS B 181 7.26 7.26 15.50
CA HIS B 181 7.27 6.58 16.80
C HIS B 181 8.44 5.67 16.95
N TYR B 182 9.19 5.88 18.04
CA TYR B 182 10.22 4.94 18.54
C TYR B 182 9.70 4.31 19.80
N GLN B 183 9.66 3.01 19.84
CA GLN B 183 9.04 2.33 20.98
C GLN B 183 10.01 1.30 21.53
N GLN B 184 9.90 1.08 22.84
CA GLN B 184 10.60 -0.04 23.50
C GLN B 184 9.72 -0.63 24.60
N ASN B 185 9.68 -1.94 24.72
CA ASN B 185 8.91 -2.61 25.73
C ASN B 185 9.85 -3.54 26.50
N THR B 186 9.67 -3.51 27.82
CA THR B 186 10.52 -4.29 28.77
C THR B 186 9.57 -5.04 29.72
N PRO B 187 9.72 -6.33 29.91
CA PRO B 187 8.90 -7.01 30.91
C PRO B 187 9.15 -6.50 32.31
N ILE B 188 8.11 -6.53 33.11
CA ILE B 188 8.15 -6.16 34.51
C ILE B 188 8.61 -7.31 35.38
N GLY B 189 8.07 -8.51 35.15
CA GLY B 189 8.56 -9.74 35.85
C GLY B 189 9.91 -10.27 35.31
N ASP B 190 10.42 -11.27 35.99
CA ASP B 190 11.61 -11.99 35.54
C ASP B 190 11.27 -13.35 34.88
N GLY B 191 9.98 -13.72 34.78
CA GLY B 191 9.60 -14.95 34.09
C GLY B 191 10.10 -14.92 32.65
N PRO B 192 10.10 -16.06 31.97
CA PRO B 192 10.60 -16.01 30.61
C PRO B 192 9.51 -15.34 29.70
N VAL B 193 9.94 -14.86 28.56
CA VAL B 193 9.03 -14.19 27.64
C VAL B 193 9.31 -14.78 26.29
N LEU B 194 8.46 -14.47 25.33
CA LEU B 194 8.65 -14.84 23.93
C LEU B 194 9.28 -13.63 23.26
N LEU B 195 10.51 -13.80 22.79
CA LEU B 195 11.18 -12.83 21.93
C LEU B 195 10.91 -13.14 20.47
N PRO B 196 10.33 -12.19 19.74
CA PRO B 196 9.88 -12.55 18.42
C PRO B 196 10.90 -12.39 17.30
N ASP B 197 10.70 -13.08 16.21
CA ASP B 197 11.32 -12.70 14.95
C ASP B 197 10.60 -11.41 14.45
N ASP B 198 11.29 -10.69 13.59
CA ASP B 198 10.71 -9.47 13.04
C ASP B 198 9.35 -9.72 12.41
N HIS B 199 8.41 -8.81 12.62
CA HIS B 199 7.08 -8.96 12.08
C HIS B 199 6.35 -7.63 12.24
N TYR B 200 5.11 -7.54 11.78
CA TYR B 200 4.43 -6.30 11.93
C TYR B 200 3.05 -6.50 12.51
N LEU B 201 2.51 -5.43 13.04
CA LEU B 201 1.11 -5.34 13.40
C LEU B 201 0.46 -4.38 12.42
N TYR B 202 -0.65 -4.78 11.85
CA TYR B 202 -1.45 -3.92 10.99
CA TYR B 202 -1.45 -3.92 10.99
C TYR B 202 -2.64 -3.44 11.80
N THR B 203 -2.90 -2.12 11.78
CA THR B 203 -3.94 -1.54 12.58
C THR B 203 -5.05 -0.91 11.83
N MET B 204 -6.23 -0.96 12.35
CA MET B 204 -7.36 -0.21 11.82
C MET B 204 -8.20 0.32 12.93
N SER B 205 -8.62 1.59 12.80
CA SER B 205 -9.25 2.24 13.95
C SER B 205 -10.42 3.08 13.42
N LEU B 206 -11.41 3.32 14.27
CA LEU B 206 -12.45 4.24 13.95
C LEU B 206 -12.73 5.04 15.19
N LEU B 207 -12.63 6.37 15.07
CA LEU B 207 -13.01 7.22 16.15
C LEU B 207 -14.44 7.70 15.98
N SER B 208 -15.16 7.85 17.10
CA SER B 208 -16.48 8.39 17.03
C SER B 208 -16.82 9.19 18.30
N VAL B 209 -17.97 9.85 18.27
CA VAL B 209 -18.44 10.75 19.25
C VAL B 209 -19.78 10.19 19.78
N ASP B 210 -20.00 10.30 21.08
CA ASP B 210 -21.32 10.01 21.70
C ASP B 210 -22.04 11.35 21.79
N PRO B 211 -23.18 11.49 21.06
CA PRO B 211 -23.78 12.81 20.96
C PRO B 211 -24.34 13.30 22.29
N ASN B 212 -24.51 12.41 23.26
CA ASN B 212 -24.95 12.85 24.55
C ASN B 212 -23.86 12.99 25.61
N GLU B 213 -22.60 12.84 25.24
CA GLU B 213 -21.53 13.05 26.23
C GLU B 213 -21.09 14.46 26.06
N ARG B 214 -21.35 15.28 27.08
CA ARG B 214 -20.93 16.68 27.09
C ARG B 214 -19.45 16.84 27.45
N ARG B 215 -18.87 15.87 28.14
CA ARG B 215 -17.45 15.97 28.37
C ARG B 215 -16.62 15.82 27.08
N ASP B 216 -15.40 16.39 27.10
CA ASP B 216 -14.43 16.10 26.02
C ASP B 216 -14.13 14.62 26.09
N HIS B 217 -14.34 13.94 24.96
CA HIS B 217 -14.29 12.48 24.93
C HIS B 217 -13.99 11.90 23.51
N MET B 218 -13.64 10.65 23.53
CA MET B 218 -13.35 9.87 22.31
C MET B 218 -13.86 8.46 22.51
N VAL B 219 -14.62 7.98 21.56
CA VAL B 219 -14.93 6.58 21.48
C VAL B 219 -14.06 5.95 20.36
N LEU B 220 -13.46 4.85 20.64
CA LEU B 220 -12.50 4.23 19.73
C LEU B 220 -12.83 2.75 19.56
N ARG B 221 -12.83 2.27 18.32
CA ARG B 221 -12.90 0.86 18.01
C ARG B 221 -11.66 0.55 17.19
N GLU B 222 -11.03 -0.57 17.43
CA GLU B 222 -9.80 -0.88 16.78
C GLU B 222 -9.70 -2.36 16.51
N PHE B 223 -9.02 -2.71 15.43
CA PHE B 223 -8.72 -4.08 15.10
C PHE B 223 -7.26 -4.16 14.73
N VAL B 224 -6.54 -5.07 15.39
CA VAL B 224 -5.11 -5.18 15.15
C VAL B 224 -4.77 -6.65 14.97
N MET B 225 -3.99 -6.92 13.92
CA MET B 225 -3.53 -8.34 13.70
C MET B 225 -2.05 -8.31 13.38
N ALA B 226 -1.38 -9.37 13.70
CA ALA B 226 0.02 -9.56 13.43
C ALA B 226 0.19 -10.34 12.14
N ALA B 227 1.24 -10.05 11.44
CA ALA B 227 1.51 -10.66 10.16
C ALA B 227 3.00 -10.58 9.86
N GLY B 228 3.40 -11.31 8.82
CA GLY B 228 4.78 -11.22 8.28
C GLY B 228 5.78 -12.27 8.65
N ILE B 229 5.33 -13.37 9.25
CA ILE B 229 6.17 -14.60 9.40
C ILE B 229 5.60 -15.76 8.53
N THR B 230 6.49 -16.48 7.81
CA THR B 230 6.16 -17.70 7.03
C THR B 230 5.27 -18.74 7.80
N GLY C 6 14.58 -19.68 -25.16
CA GLY C 6 13.17 -19.05 -24.73
C GLY C 6 13.48 -17.82 -23.80
N GLU C 7 13.69 -18.04 -22.50
CA GLU C 7 14.53 -17.17 -21.59
C GLU C 7 15.86 -16.66 -22.19
N GLU C 8 16.53 -17.51 -22.96
CA GLU C 8 17.82 -17.21 -23.53
C GLU C 8 17.75 -16.04 -24.51
N LEU C 9 16.60 -15.80 -25.14
CA LEU C 9 16.47 -14.70 -26.04
C LEU C 9 16.55 -13.28 -25.31
N PHE C 10 16.47 -13.29 -24.00
CA PHE C 10 16.35 -12.03 -23.15
C PHE C 10 17.50 -11.78 -22.22
N THR C 11 18.59 -12.53 -22.40
CA THR C 11 19.69 -12.44 -21.47
C THR C 11 20.51 -11.15 -21.67
N GLY C 12 20.47 -10.53 -22.85
CA GLY C 12 21.08 -9.23 -23.00
C GLY C 12 20.01 -8.15 -23.23
N VAL C 13 20.42 -7.10 -23.88
CA VAL C 13 19.59 -5.96 -24.30
C VAL C 13 18.94 -6.36 -25.63
N VAL C 14 17.63 -6.23 -25.75
CA VAL C 14 16.90 -6.61 -26.95
C VAL C 14 16.22 -5.41 -27.55
N PRO C 15 16.33 -5.17 -28.85
CA PRO C 15 15.67 -4.01 -29.41
C PRO C 15 14.16 -4.32 -29.48
N ILE C 16 13.35 -3.28 -29.37
CA ILE C 16 11.92 -3.38 -29.40
C ILE C 16 11.33 -2.44 -30.43
N LEU C 17 10.29 -2.92 -31.10
CA LEU C 17 9.48 -2.17 -31.98
C LEU C 17 8.01 -2.31 -31.59
N VAL C 18 7.31 -1.18 -31.55
CA VAL C 18 5.89 -1.18 -31.26
C VAL C 18 5.14 -0.50 -32.33
N GLU C 19 4.06 -1.12 -32.81
CA GLU C 19 3.21 -0.48 -33.81
C GLU C 19 1.78 -0.61 -33.36
N LEU C 20 1.04 0.47 -33.30
CA LEU C 20 -0.34 0.48 -32.87
C LEU C 20 -1.17 1.17 -33.94
N ASP C 21 -2.28 0.54 -34.33
CA ASP C 21 -3.34 1.16 -35.15
C ASP C 21 -4.58 1.27 -34.30
N GLY C 22 -5.07 2.49 -34.16
CA GLY C 22 -6.12 2.81 -33.19
C GLY C 22 -7.30 3.52 -33.87
N ASP C 23 -8.45 3.36 -33.18
CA ASP C 23 -9.65 4.07 -33.56
C ASP C 23 -10.45 4.21 -32.26
N VAL C 24 -10.68 5.44 -31.88
CA VAL C 24 -11.44 5.79 -30.69
C VAL C 24 -12.58 6.71 -31.04
N ASN C 25 -13.82 6.24 -30.84
CA ASN C 25 -14.97 6.97 -31.24
C ASN C 25 -14.85 7.42 -32.73
N GLY C 26 -14.25 6.58 -33.57
CA GLY C 26 -14.08 6.95 -35.01
C GLY C 26 -12.87 7.73 -35.38
N HIS C 27 -12.14 8.22 -34.39
CA HIS C 27 -10.89 8.96 -34.65
C HIS C 27 -9.76 7.97 -34.82
N ARG C 28 -9.24 7.88 -36.01
CA ARG C 28 -8.18 6.93 -36.36
C ARG C 28 -6.78 7.53 -36.13
N PHE C 29 -5.84 6.73 -35.64
CA PHE C 29 -4.54 7.16 -35.42
C PHE C 29 -3.59 6.01 -35.42
N SER C 30 -2.29 6.31 -35.57
CA SER C 30 -1.28 5.29 -35.45
C SER C 30 -0.12 5.79 -34.58
N VAL C 31 0.49 4.83 -33.91
CA VAL C 31 1.67 5.10 -33.11
C VAL C 31 2.77 4.09 -33.46
N ARG C 32 4.01 4.56 -33.48
CA ARG C 32 5.18 3.73 -33.61
C ARG C 32 6.12 4.04 -32.50
N GLY C 33 6.64 3.01 -31.89
CA GLY C 33 7.61 3.14 -30.86
C GLY C 33 8.85 2.30 -31.11
N GLU C 34 9.96 2.72 -30.56
CA GLU C 34 11.24 2.02 -30.70
C GLU C 34 11.99 2.22 -29.40
N GLY C 35 12.72 1.20 -29.04
CA GLY C 35 13.66 1.31 -27.93
C GLY C 35 14.29 -0.03 -27.59
N GLU C 36 14.54 -0.30 -26.32
CA GLU C 36 15.17 -1.53 -25.98
C GLU C 36 14.82 -1.97 -24.58
N GLY C 37 14.93 -3.27 -24.36
CA GLY C 37 14.55 -3.87 -23.10
C GLY C 37 15.65 -4.73 -22.54
N ASP C 38 15.72 -4.79 -21.25
CA ASP C 38 16.83 -5.44 -20.51
C ASP C 38 16.18 -6.27 -19.48
N ALA C 39 15.64 -7.41 -19.90
CA ALA C 39 14.80 -8.21 -18.97
C ALA C 39 15.47 -8.72 -17.71
N THR C 40 16.76 -8.91 -17.81
CA THR C 40 17.55 -9.33 -16.68
C THR C 40 17.27 -8.40 -15.51
N TYR C 41 17.15 -7.09 -15.75
CA TYR C 41 16.83 -6.15 -14.66
C TYR C 41 15.48 -5.45 -14.84
N GLY C 42 14.61 -6.13 -15.55
CA GLY C 42 13.21 -5.68 -15.66
C GLY C 42 13.00 -4.32 -16.32
N MET C 43 13.92 -3.86 -17.16
CA MET C 43 13.90 -2.49 -17.61
C MET C 43 13.57 -2.32 -19.04
N LEU C 44 12.88 -1.25 -19.38
CA LEU C 44 12.58 -0.85 -20.75
C LEU C 44 12.72 0.62 -20.89
N THR C 45 13.12 1.08 -22.08
CA THR C 45 13.10 2.44 -22.45
C THR C 45 12.53 2.46 -23.87
N LEU C 46 11.52 3.25 -24.11
CA LEU C 46 10.89 3.30 -25.37
C LEU C 46 10.58 4.73 -25.71
N ARG C 47 10.59 5.03 -26.97
CA ARG C 47 10.11 6.31 -27.46
C ARG C 47 9.06 6.11 -28.51
N PHE C 48 7.94 6.80 -28.34
CA PHE C 48 6.76 6.63 -29.20
C PHE C 48 6.46 7.94 -29.92
N ILE C 49 6.01 7.84 -31.18
CA ILE C 49 5.55 8.97 -31.91
C ILE C 49 4.15 8.65 -32.46
N CYS C 50 3.29 9.62 -32.60
CA CYS C 50 2.05 9.47 -33.30
C CYS C 50 2.41 9.76 -34.77
N THR C 51 2.17 8.78 -35.65
CA THR C 51 2.62 8.96 -37.03
C THR C 51 1.52 9.51 -37.89
N THR C 52 0.36 9.83 -37.36
CA THR C 52 -0.74 10.37 -38.09
C THR C 52 -1.09 11.82 -37.70
N GLY C 53 -0.22 12.49 -37.01
CA GLY C 53 -0.57 13.82 -36.59
C GLY C 53 -0.67 13.90 -35.10
N ARG C 54 -1.80 14.26 -34.60
CA ARG C 54 -1.93 14.39 -33.10
C ARG C 54 -2.81 13.27 -32.62
N LEU C 55 -2.48 12.77 -31.42
CA LEU C 55 -3.23 11.72 -30.83
C LEU C 55 -4.60 12.28 -30.42
N PRO C 56 -5.70 11.47 -30.55
CA PRO C 56 -6.97 11.94 -30.14
C PRO C 56 -7.28 11.62 -28.68
N VAL C 57 -6.39 10.88 -28.04
CA VAL C 57 -6.53 10.49 -26.65
C VAL C 57 -5.19 10.77 -25.92
N PRO C 58 -5.25 10.88 -24.59
CA PRO C 58 -3.94 11.17 -23.84
C PRO C 58 -3.04 9.96 -23.94
N TRP C 59 -1.75 10.25 -24.01
CA TRP C 59 -0.74 9.21 -23.95
C TRP C 59 -0.84 8.24 -22.77
N PRO C 60 -1.19 8.72 -21.57
CA PRO C 60 -1.23 7.81 -20.50
C PRO C 60 -2.26 6.70 -20.68
N THR C 61 -3.31 6.93 -21.48
CA THR C 61 -4.30 5.91 -21.74
C THR C 61 -3.81 4.79 -22.59
N LEU C 62 -2.69 4.98 -23.27
CA LEU C 62 -2.10 3.98 -24.17
C LEU C 62 -0.96 3.22 -23.57
N VAL C 63 -0.46 3.61 -22.39
CA VAL C 63 0.76 3.00 -21.86
C VAL C 63 0.62 1.48 -21.72
N THR C 64 -0.46 1.06 -21.08
CA THR C 64 -0.60 -0.40 -20.80
C THR C 64 -0.69 -1.23 -22.08
N THR C 65 -1.29 -0.66 -23.10
CA THR C 65 -1.46 -1.35 -24.38
C THR C 65 -0.09 -1.39 -25.15
N LEU C 66 0.61 -0.26 -25.17
CA LEU C 66 1.94 -0.17 -25.77
C LEU C 66 2.99 -0.99 -25.10
N1 CRO C 67 2.99 -1.09 -23.64
CA1 CRO C 67 4.00 -1.87 -22.90
CB1 CRO C 67 4.99 -0.94 -22.12
CG1 CRO C 67 5.61 -0.10 -23.17
OG1 CRO C 67 4.22 -0.09 -21.28
C1 CRO C 67 3.17 -2.66 -22.02
N2 CRO C 67 2.94 -2.31 -20.72
N3 CRO C 67 2.53 -3.78 -22.39
C2 CRO C 67 1.89 -4.22 -21.37
O2 CRO C 67 1.14 -5.28 -21.23
CA2 CRO C 67 2.11 -3.31 -20.26
CA3 CRO C 67 2.51 -4.39 -23.76
C3 CRO C 67 3.32 -5.66 -23.96
O3 CRO C 67 3.13 -6.40 -24.89
CB2 CRO C 67 1.45 -3.42 -18.99
CG2 CRO C 67 1.57 -2.43 -17.86
CD1 CRO C 67 2.37 -1.29 -17.91
CD2 CRO C 67 0.68 -2.59 -16.80
CE1 CRO C 67 2.32 -0.36 -16.85
CE2 CRO C 67 0.70 -1.75 -15.70
CZ CRO C 67 1.52 -0.66 -15.76
OH CRO C 67 1.55 0.22 -14.66
N VAL C 68 4.62 -5.42 -23.20
CA VAL C 68 5.74 -6.43 -23.51
C VAL C 68 6.17 -6.94 -22.20
N GLN C 69 5.30 -7.68 -21.57
CA GLN C 69 5.53 -8.18 -20.22
C GLN C 69 6.57 -9.30 -20.19
N CYS C 70 7.03 -9.75 -21.37
CA CYS C 70 8.24 -10.54 -21.46
C CYS C 70 9.50 -9.86 -20.98
N PHE C 71 9.49 -8.52 -20.79
CA PHE C 71 10.62 -7.83 -20.19
C PHE C 71 10.62 -7.72 -18.67
N ALA C 72 9.65 -8.32 -18.00
CA ALA C 72 9.67 -8.31 -16.55
C ALA C 72 10.81 -9.14 -15.98
N ARG C 73 11.35 -8.67 -14.88
CA ARG C 73 12.30 -9.42 -14.09
C ARG C 73 11.54 -10.48 -13.29
N TYR C 74 11.78 -11.74 -13.64
CA TYR C 74 11.29 -12.86 -12.80
C TYR C 74 12.47 -13.28 -11.94
N PRO C 75 12.40 -13.21 -10.61
CA PRO C 75 13.53 -13.63 -9.80
C PRO C 75 13.76 -15.13 -9.97
N ASP C 76 14.91 -15.56 -9.55
CA ASP C 76 15.37 -16.93 -9.81
C ASP C 76 14.45 -18.01 -9.37
N HIS C 77 13.94 -17.89 -8.17
CA HIS C 77 12.99 -18.83 -7.63
C HIS C 77 11.68 -18.85 -8.37
N MET C 78 11.35 -17.84 -9.22
CA MET C 78 10.08 -17.78 -9.93
C MET C 78 10.20 -18.04 -11.38
N ARG C 79 11.35 -18.53 -11.80
CA ARG C 79 11.62 -18.73 -13.21
C ARG C 79 10.67 -19.68 -13.88
N ARG C 80 10.14 -20.67 -13.16
CA ARG C 80 9.22 -21.59 -13.82
C ARG C 80 7.84 -21.01 -14.00
N HIS C 81 7.64 -19.76 -13.60
CA HIS C 81 6.35 -19.07 -13.67
C HIS C 81 6.33 -17.97 -14.72
N ASP C 82 7.40 -17.87 -15.50
CA ASP C 82 7.50 -16.85 -16.56
C ASP C 82 6.91 -17.34 -17.87
N PHE C 83 5.58 -17.24 -17.95
CA PHE C 83 4.86 -17.61 -19.16
C PHE C 83 5.41 -16.86 -20.35
N PHE C 84 5.58 -15.54 -20.20
CA PHE C 84 5.79 -14.72 -21.30
C PHE C 84 7.05 -15.10 -22.10
N LYS C 85 8.17 -15.26 -21.41
CA LYS C 85 9.38 -15.59 -22.12
C LYS C 85 9.30 -17.04 -22.70
N SER C 86 8.60 -17.93 -22.02
CA SER C 86 8.55 -19.37 -22.42
C SER C 86 7.89 -19.54 -23.76
N THR C 87 7.08 -18.57 -24.23
CA THR C 87 6.51 -18.60 -25.58
C THR C 87 7.44 -18.24 -26.69
N MET C 88 8.60 -17.69 -26.39
CA MET C 88 9.39 -17.02 -27.40
C MET C 88 10.33 -18.05 -28.10
N PRO C 89 10.66 -17.80 -29.36
CA PRO C 89 10.38 -16.60 -30.16
C PRO C 89 9.03 -16.48 -30.88
N GLU C 90 8.22 -17.53 -30.92
CA GLU C 90 6.97 -17.53 -31.67
C GLU C 90 5.94 -16.52 -31.03
N GLY C 91 6.00 -16.42 -29.71
CA GLY C 91 5.28 -15.38 -28.98
C GLY C 91 3.88 -15.70 -28.65
N TYR C 92 3.11 -14.62 -28.42
CA TYR C 92 1.77 -14.69 -27.90
C TYR C 92 0.86 -13.60 -28.42
N VAL C 93 -0.43 -13.86 -28.33
CA VAL C 93 -1.47 -12.90 -28.57
C VAL C 93 -1.92 -12.39 -27.19
N GLN C 94 -1.94 -11.07 -27.07
CA GLN C 94 -2.45 -10.42 -25.82
C GLN C 94 -3.70 -9.67 -26.22
N GLU C 95 -4.80 -9.97 -25.51
CA GLU C 95 -6.02 -9.31 -25.70
C GLU C 95 -6.49 -8.67 -24.40
N ARG C 96 -7.07 -7.47 -24.51
CA ARG C 96 -7.62 -6.83 -23.34
C ARG C 96 -8.92 -6.16 -23.63
N MET C 97 -9.69 -6.04 -22.52
CA MET C 97 -10.76 -5.10 -22.49
C MET C 97 -10.39 -4.15 -21.31
N ILE C 98 -10.50 -2.88 -21.58
CA ILE C 98 -10.13 -1.82 -20.64
C ILE C 98 -11.29 -0.90 -20.44
N TYR C 99 -11.87 -0.91 -19.22
CA TYR C 99 -13.03 -0.10 -18.91
C TYR C 99 -12.61 1.12 -18.10
N PHE C 100 -12.84 2.30 -18.67
CA PHE C 100 -12.50 3.57 -18.05
C PHE C 100 -13.67 4.04 -17.21
N GLU C 101 -13.39 4.34 -15.95
CA GLU C 101 -14.36 4.93 -15.06
C GLU C 101 -15.10 6.07 -15.63
N ASP C 102 -16.44 5.97 -15.62
CA ASP C 102 -17.31 7.07 -16.05
C ASP C 102 -17.08 7.42 -17.59
N ASP C 103 -16.61 6.46 -18.37
CA ASP C 103 -16.29 6.77 -19.78
C ASP C 103 -16.27 5.49 -20.56
N GLY C 104 -15.62 5.47 -21.69
CA GLY C 104 -15.67 4.39 -22.63
C GLY C 104 -14.78 3.22 -22.31
N ALA C 105 -14.59 2.39 -23.29
CA ALA C 105 -13.76 1.23 -23.17
C ALA C 105 -12.81 1.05 -24.37
N TYR C 106 -11.66 0.54 -24.10
CA TYR C 106 -10.78 0.05 -25.15
C TYR C 106 -10.81 -1.45 -25.26
N ARG C 107 -10.84 -1.94 -26.52
CA ARG C 107 -10.62 -3.34 -26.78
C ARG C 107 -9.37 -3.46 -27.58
N THR C 108 -8.44 -4.29 -27.17
CA THR C 108 -7.17 -4.37 -27.86
C THR C 108 -6.79 -5.81 -28.20
N ARG C 109 -6.05 -5.94 -29.30
CA ARG C 109 -5.47 -7.20 -29.63
C ARG C 109 -4.09 -6.98 -30.15
N ALA C 110 -3.15 -7.75 -29.68
CA ALA C 110 -1.80 -7.56 -30.04
C ALA C 110 -1.06 -8.88 -30.22
N VAL C 111 -0.10 -8.85 -31.17
CA VAL C 111 0.84 -9.96 -31.33
C VAL C 111 2.17 -9.54 -30.87
N VAL C 112 2.74 -10.32 -29.96
CA VAL C 112 4.03 -10.06 -29.38
C VAL C 112 4.94 -11.25 -29.75
N ARG C 113 5.97 -10.93 -30.51
CA ARG C 113 6.92 -12.01 -30.98
C ARG C 113 8.14 -11.42 -31.56
N PHE C 114 9.19 -12.29 -31.72
CA PHE C 114 10.40 -11.86 -32.35
C PHE C 114 10.24 -11.78 -33.85
N GLU C 115 10.76 -10.72 -34.44
CA GLU C 115 10.96 -10.61 -35.92
C GLU C 115 12.42 -10.33 -36.04
N GLY C 116 13.15 -11.39 -36.40
CA GLY C 116 14.60 -11.33 -36.33
C GLY C 116 15.07 -11.14 -34.91
N ASP C 117 15.97 -10.22 -34.68
CA ASP C 117 16.51 -10.03 -33.37
C ASP C 117 15.58 -9.02 -32.50
N THR C 118 14.56 -8.49 -33.14
CA THR C 118 13.64 -7.48 -32.51
C THR C 118 12.42 -8.08 -31.93
N LEU C 119 12.10 -7.70 -30.70
CA LEU C 119 10.84 -8.07 -30.08
C LEU C 119 9.83 -6.98 -30.53
N VAL C 120 8.78 -7.44 -31.17
CA VAL C 120 7.81 -6.57 -31.83
C VAL C 120 6.47 -6.77 -31.15
N ASN C 121 5.81 -5.66 -30.83
CA ASN C 121 4.44 -5.66 -30.30
C ASN C 121 3.58 -4.91 -31.34
N ARG C 122 2.71 -5.64 -32.03
CA ARG C 122 1.79 -5.07 -33.03
C ARG C 122 0.41 -5.12 -32.56
N ILE C 123 -0.22 -3.97 -32.47
CA ILE C 123 -1.49 -3.82 -31.78
C ILE C 123 -2.58 -3.21 -32.63
N GLU C 124 -3.84 -3.65 -32.44
CA GLU C 124 -5.03 -2.96 -32.87
C GLU C 124 -5.80 -2.56 -31.64
N LEU C 125 -6.30 -1.35 -31.65
CA LEU C 125 -7.08 -0.84 -30.49
C LEU C 125 -8.34 -0.19 -31.05
N ARG C 126 -9.44 -0.51 -30.40
CA ARG C 126 -10.70 0.07 -30.73
C ARG C 126 -11.35 0.60 -29.46
N GLY C 127 -11.64 1.90 -29.47
CA GLY C 127 -12.31 2.51 -28.36
C GLY C 127 -13.68 2.92 -28.73
N THR C 128 -14.63 2.68 -27.82
CA THR C 128 -16.02 3.00 -28.02
C THR C 128 -16.66 3.68 -26.85
N ASP C 129 -17.67 4.49 -27.13
CA ASP C 129 -18.60 5.07 -26.14
C ASP C 129 -17.90 6.07 -25.21
N PHE C 130 -16.85 6.72 -25.64
CA PHE C 130 -16.24 7.73 -24.90
C PHE C 130 -17.07 8.97 -24.97
N ARG C 131 -16.99 9.77 -23.91
CA ARG C 131 -17.62 11.07 -23.89
C ARG C 131 -16.75 12.10 -24.55
N GLU C 132 -17.30 12.87 -25.44
CA GLU C 132 -16.56 13.86 -26.17
C GLU C 132 -15.94 14.94 -25.29
N ASP C 133 -16.55 15.22 -24.15
CA ASP C 133 -16.02 16.20 -23.20
C ASP C 133 -15.61 15.55 -21.85
N GLY C 134 -15.30 14.27 -21.89
CA GLY C 134 -14.74 13.56 -20.73
C GLY C 134 -13.23 13.82 -20.60
N ASN C 135 -12.61 13.14 -19.66
CA ASN C 135 -11.22 13.39 -19.39
C ASN C 135 -10.32 12.86 -20.51
N ILE C 136 -10.79 11.88 -21.29
CA ILE C 136 -10.00 11.25 -22.31
C ILE C 136 -10.04 12.05 -23.59
N LEU C 137 -11.23 12.16 -24.18
CA LEU C 137 -11.32 12.93 -25.46
C LEU C 137 -11.16 14.42 -25.20
N GLY C 138 -11.40 14.88 -23.97
CA GLY C 138 -11.15 16.19 -23.52
C GLY C 138 -9.73 16.53 -23.01
N HIS C 139 -8.82 15.57 -23.04
CA HIS C 139 -7.46 15.72 -22.67
C HIS C 139 -7.26 16.45 -21.34
N ARG C 140 -7.77 15.83 -20.28
CA ARG C 140 -7.64 16.35 -18.93
C ARG C 140 -6.90 15.39 -18.00
N LEU C 141 -6.16 14.47 -18.55
CA LEU C 141 -5.32 13.55 -17.79
C LEU C 141 -3.88 14.11 -17.72
N GLU C 142 -3.32 14.03 -16.54
CA GLU C 142 -1.94 14.51 -16.29
C GLU C 142 -1.00 13.62 -17.07
N TYR C 143 0.12 14.20 -17.45
CA TYR C 143 1.15 13.41 -18.15
C TYR C 143 2.05 12.71 -17.19
N ASN C 144 1.56 11.66 -16.57
CA ASN C 144 2.29 10.90 -15.63
C ASN C 144 1.69 9.57 -15.48
N PHE C 145 2.26 8.72 -14.58
CA PHE C 145 1.79 7.34 -14.47
C PHE C 145 2.06 6.85 -13.10
N ASN C 146 1.14 6.09 -12.56
CA ASN C 146 1.30 5.51 -11.23
C ASN C 146 1.90 4.14 -11.28
N SER C 147 2.24 3.60 -10.11
CA SER C 147 2.70 2.21 -10.01
C SER C 147 1.57 1.27 -9.77
N HIS C 148 1.59 0.10 -10.38
CA HIS C 148 0.46 -0.81 -10.39
C HIS C 148 0.87 -2.25 -10.10
N MET C 149 -0.12 -3.07 -9.87
CA MET C 149 0.08 -4.50 -9.57
C MET C 149 -0.75 -5.28 -10.55
N VAL C 150 -0.18 -6.16 -11.32
CA VAL C 150 -0.91 -6.93 -12.34
C VAL C 150 -1.02 -8.34 -11.79
N TYR C 151 -2.23 -8.83 -11.60
CA TYR C 151 -2.40 -10.19 -11.01
C TYR C 151 -2.53 -11.19 -12.13
N ILE C 152 -1.65 -12.16 -12.16
CA ILE C 152 -1.56 -13.20 -13.21
C ILE C 152 -2.05 -14.58 -12.73
N MET C 153 -2.88 -15.20 -13.55
CA MET C 153 -3.55 -16.50 -13.29
C MET C 153 -3.34 -17.39 -14.52
N ALA C 154 -3.04 -18.65 -14.29
CA ALA C 154 -3.02 -19.57 -15.44
C ALA C 154 -4.42 -19.78 -16.00
N ASP C 155 -4.47 -20.00 -17.29
CA ASP C 155 -5.68 -20.39 -18.02
C ASP C 155 -5.32 -21.71 -18.73
N ARG C 156 -5.49 -22.81 -18.04
CA ARG C 156 -5.16 -24.16 -18.56
C ARG C 156 -5.89 -24.53 -19.85
N GLN C 157 -7.15 -24.23 -19.95
CA GLN C 157 -7.91 -24.47 -21.21
C GLN C 157 -7.29 -23.76 -22.42
N ARG C 158 -6.79 -22.55 -22.28
CA ARG C 158 -6.25 -21.79 -23.39
C ARG C 158 -4.73 -22.01 -23.54
N ASN C 159 -4.15 -22.79 -22.64
CA ASN C 159 -2.72 -22.96 -22.56
C ASN C 159 -1.99 -21.61 -22.41
N GLY C 160 -2.55 -20.77 -21.53
CA GLY C 160 -1.96 -19.43 -21.40
C GLY C 160 -2.34 -18.87 -20.05
N ILE C 161 -2.54 -17.54 -20.03
CA ILE C 161 -2.80 -16.83 -18.80
C ILE C 161 -3.94 -15.82 -18.96
N ARG C 162 -4.44 -15.43 -17.81
CA ARG C 162 -5.29 -14.23 -17.71
C ARG C 162 -4.68 -13.30 -16.66
N ALA C 163 -5.05 -12.03 -16.78
CA ALA C 163 -4.55 -11.07 -15.82
C ALA C 163 -5.64 -10.09 -15.56
N MET C 164 -5.57 -9.47 -14.38
CA MET C 164 -6.58 -8.49 -13.97
C MET C 164 -5.85 -7.42 -13.18
N PHE C 165 -6.21 -6.16 -13.47
CA PHE C 165 -5.65 -5.04 -12.75
C PHE C 165 -6.33 -3.74 -13.01
N ASN C 166 -6.29 -2.82 -12.02
CA ASN C 166 -6.77 -1.47 -12.23
C ASN C 166 -5.61 -0.59 -12.38
N THR C 167 -5.68 0.36 -13.31
CA THR C 167 -4.73 1.47 -13.31
C THR C 167 -5.44 2.68 -12.76
N ARG C 168 -4.66 3.62 -12.26
CA ARG C 168 -5.19 4.87 -11.69
C ARG C 168 -4.50 5.99 -12.44
N HIS C 169 -5.27 6.81 -13.15
CA HIS C 169 -4.78 7.89 -13.95
C HIS C 169 -5.03 9.20 -13.31
N ASN C 170 -3.99 9.98 -13.00
CA ASN C 170 -4.27 11.27 -12.43
C ASN C 170 -4.94 12.23 -13.36
N VAL C 171 -5.97 12.92 -12.86
CA VAL C 171 -6.68 13.92 -13.57
C VAL C 171 -6.26 15.29 -13.13
N GLU C 172 -6.32 16.24 -14.00
CA GLU C 172 -5.83 17.56 -13.70
C GLU C 172 -6.57 18.30 -12.59
N ASP C 173 -7.77 17.90 -12.25
CA ASP C 173 -8.45 18.47 -11.05
C ASP C 173 -8.05 17.80 -9.74
N GLY C 174 -7.03 16.95 -9.71
CA GLY C 174 -6.57 16.29 -8.51
C GLY C 174 -7.32 15.02 -8.21
N SER C 175 -8.28 14.60 -9.01
CA SER C 175 -8.88 13.26 -8.80
C SER C 175 -8.06 12.19 -9.56
N GLU C 176 -8.43 10.91 -9.34
CA GLU C 176 -7.90 9.76 -10.13
C GLU C 176 -9.04 9.08 -10.90
N GLN C 177 -8.75 8.68 -12.10
CA GLN C 177 -9.71 7.94 -12.93
C GLN C 177 -9.19 6.54 -13.10
N VAL C 178 -10.01 5.58 -12.72
CA VAL C 178 -9.61 4.17 -12.80
C VAL C 178 -9.89 3.57 -14.18
N ALA C 179 -9.02 2.70 -14.59
CA ALA C 179 -9.25 1.81 -15.74
C ALA C 179 -9.05 0.38 -15.31
N MET C 180 -10.10 -0.38 -15.48
CA MET C 180 -10.10 -1.79 -15.13
C MET C 180 -9.74 -2.64 -16.33
N HIS C 181 -8.67 -3.36 -16.22
CA HIS C 181 -8.11 -4.17 -17.30
C HIS C 181 -8.41 -5.63 -17.12
N TYR C 182 -9.00 -6.22 -18.13
CA TYR C 182 -9.15 -7.67 -18.28
C TYR C 182 -8.24 -8.15 -19.40
N GLN C 183 -7.37 -9.05 -19.09
CA GLN C 183 -6.39 -9.47 -20.08
C GLN C 183 -6.40 -10.97 -20.23
N GLN C 184 -6.06 -11.40 -21.45
CA GLN C 184 -5.79 -12.83 -21.71
C GLN C 184 -4.66 -12.96 -22.70
N ASN C 185 -3.77 -13.93 -22.50
CA ASN C 185 -2.68 -14.18 -23.38
C ASN C 185 -2.71 -15.66 -23.79
N THR C 186 -2.44 -15.88 -25.07
CA THR C 186 -2.50 -17.22 -25.67
C THR C 186 -1.25 -17.41 -26.55
N PRO C 187 -0.51 -18.50 -26.39
CA PRO C 187 0.66 -18.70 -27.23
C PRO C 187 0.31 -18.85 -28.69
N ILE C 188 1.19 -18.38 -29.53
CA ILE C 188 1.03 -18.50 -30.99
C ILE C 188 1.55 -19.87 -31.50
N GLY C 189 2.69 -20.31 -30.98
CA GLY C 189 3.20 -21.68 -31.25
C GLY C 189 2.46 -22.81 -30.54
N ASP C 190 2.78 -24.05 -30.93
CA ASP C 190 2.27 -25.21 -30.17
C ASP C 190 3.33 -25.82 -29.22
N GLY C 191 4.54 -25.25 -29.16
CA GLY C 191 5.56 -25.68 -28.20
C GLY C 191 5.03 -25.63 -26.79
N PRO C 192 5.69 -26.32 -25.84
CA PRO C 192 5.18 -26.25 -24.48
C PRO C 192 5.50 -24.85 -23.88
N VAL C 193 4.76 -24.46 -22.87
CA VAL C 193 4.91 -23.16 -22.26
C VAL C 193 4.89 -23.41 -20.76
N LEU C 194 5.24 -22.38 -19.99
CA LEU C 194 5.18 -22.43 -18.55
C LEU C 194 3.87 -21.79 -18.13
N LEU C 195 2.99 -22.58 -17.55
CA LEU C 195 1.75 -22.05 -16.91
C LEU C 195 1.99 -21.75 -15.45
N PRO C 196 1.80 -20.49 -15.04
CA PRO C 196 2.24 -20.12 -13.72
C PRO C 196 1.26 -20.38 -12.59
N ASP C 197 1.76 -20.47 -11.37
CA ASP C 197 0.92 -20.27 -10.18
C ASP C 197 0.61 -18.76 -10.11
N ASP C 198 -0.47 -18.45 -9.40
CA ASP C 198 -0.86 -17.05 -9.26
C ASP C 198 0.26 -16.21 -8.71
N HIS C 199 0.44 -15.01 -9.24
CA HIS C 199 1.49 -14.13 -8.79
C HIS C 199 1.24 -12.75 -9.36
N TYR C 200 2.08 -11.79 -9.04
CA TYR C 200 1.80 -10.47 -9.57
C TYR C 200 3.05 -9.88 -10.20
N LEU C 201 2.84 -8.90 -11.02
CA LEU C 201 3.88 -8.04 -11.53
C LEU C 201 3.66 -6.66 -10.91
N TYR C 202 4.70 -6.10 -10.36
CA TYR C 202 4.70 -4.74 -9.85
CA TYR C 202 4.70 -4.75 -9.83
C TYR C 202 5.36 -3.84 -10.86
N THR C 203 4.72 -2.72 -11.21
CA THR C 203 5.19 -1.86 -12.26
C THR C 203 5.59 -0.47 -11.76
N MET C 204 6.57 0.12 -12.36
CA MET C 204 6.86 1.52 -12.17
C MET C 204 7.27 2.16 -13.44
N SER C 205 6.81 3.39 -13.67
CA SER C 205 6.96 3.98 -15.03
C SER C 205 7.28 5.47 -14.84
N LEU C 206 7.98 6.05 -15.78
CA LEU C 206 8.15 7.46 -15.80
C LEU C 206 7.96 7.93 -17.23
N LEU C 207 7.04 8.84 -17.45
CA LEU C 207 6.87 9.43 -18.72
C LEU C 207 7.61 10.73 -18.85
N SER C 208 8.19 11.02 -20.03
CA SER C 208 8.87 12.26 -20.22
C SER C 208 8.73 12.77 -21.64
N VAL C 209 9.23 13.97 -21.88
CA VAL C 209 9.08 14.68 -23.11
C VAL C 209 10.50 14.95 -23.66
N ASP C 210 10.69 14.86 -24.93
CA ASP C 210 11.93 15.37 -25.61
C ASP C 210 11.64 16.77 -26.09
N PRO C 211 12.35 17.78 -25.54
CA PRO C 211 11.98 19.18 -25.84
C PRO C 211 12.22 19.52 -27.30
N ASN C 212 12.98 18.72 -28.03
CA ASN C 212 13.17 19.00 -29.43
C ASN C 212 12.36 18.14 -30.38
N GLU C 213 11.45 17.30 -29.84
CA GLU C 213 10.60 16.53 -30.76
C GLU C 213 9.33 17.33 -30.92
N ARG C 214 9.09 17.81 -32.12
CA ARG C 214 7.88 18.54 -32.47
C ARG C 214 6.70 17.61 -32.70
N ARG C 215 6.94 16.37 -33.07
CA ARG C 215 5.79 15.49 -33.19
C ARG C 215 5.14 15.18 -31.80
N ASP C 216 3.87 14.79 -31.84
CA ASP C 216 3.20 14.27 -30.66
C ASP C 216 3.94 12.95 -30.31
N HIS C 217 4.40 12.88 -29.08
CA HIS C 217 5.29 11.83 -28.63
C HIS C 217 5.34 11.61 -27.10
N MET C 218 5.87 10.48 -26.74
CA MET C 218 6.06 10.04 -25.37
C MET C 218 7.32 9.26 -25.25
N VAL C 219 8.13 9.64 -24.28
CA VAL C 219 9.25 8.86 -23.85
C VAL C 219 8.89 8.12 -22.55
N LEU C 220 9.16 6.84 -22.50
CA LEU C 220 8.78 6.03 -21.36
C LEU C 220 9.95 5.21 -20.84
N ARG C 221 10.13 5.19 -19.53
CA ARG C 221 11.05 4.26 -18.86
C ARG C 221 10.23 3.47 -17.87
N GLU C 222 10.47 2.19 -17.76
CA GLU C 222 9.68 1.34 -16.97
C GLU C 222 10.49 0.27 -16.32
N PHE C 223 10.12 -0.09 -15.11
CA PHE C 223 10.73 -1.22 -14.39
C PHE C 223 9.65 -2.11 -13.88
N VAL C 224 9.74 -3.43 -14.25
CA VAL C 224 8.72 -4.35 -13.87
C VAL C 224 9.35 -5.59 -13.28
N MET C 225 8.84 -6.04 -12.16
CA MET C 225 9.34 -7.28 -11.52
C MET C 225 8.17 -8.14 -11.07
N ALA C 226 8.41 -9.41 -11.01
CA ALA C 226 7.40 -10.39 -10.59
C ALA C 226 7.64 -10.74 -9.13
N ALA C 227 6.58 -11.02 -8.43
CA ALA C 227 6.65 -11.32 -7.01
C ALA C 227 5.43 -12.15 -6.61
N GLY C 228 5.47 -12.70 -5.41
CA GLY C 228 4.33 -13.36 -4.76
C GLY C 228 4.31 -14.87 -4.77
N ILE C 229 5.45 -15.49 -5.13
CA ILE C 229 5.75 -16.93 -4.84
C ILE C 229 7.09 -17.08 -4.05
N GLY D 6 32.75 -8.01 9.14
CA GLY D 6 31.98 -7.26 7.98
C GLY D 6 30.70 -6.63 8.63
N GLU D 7 29.65 -7.43 8.78
CA GLU D 7 28.57 -7.27 9.83
C GLU D 7 29.03 -6.84 11.22
N GLU D 8 30.17 -7.37 11.65
CA GLU D 8 30.69 -7.10 12.99
C GLU D 8 31.04 -5.64 13.21
N LEU D 9 31.35 -4.90 12.13
CA LEU D 9 31.66 -3.51 12.27
C LEU D 9 30.38 -2.64 12.70
N PHE D 10 29.20 -3.22 12.63
CA PHE D 10 27.89 -2.50 12.80
C PHE D 10 27.10 -2.93 13.99
N THR D 11 27.71 -3.72 14.88
CA THR D 11 26.96 -4.25 16.01
C THR D 11 26.65 -3.16 17.06
N GLY D 12 27.45 -2.09 17.12
CA GLY D 12 27.09 -0.99 17.99
C GLY D 12 26.62 0.26 17.20
N VAL D 13 26.78 1.39 17.85
CA VAL D 13 26.53 2.71 17.28
C VAL D 13 27.80 3.13 16.54
N VAL D 14 27.68 3.48 15.26
CA VAL D 14 28.84 3.83 14.43
C VAL D 14 28.72 5.31 14.01
N PRO D 15 29.78 6.08 14.15
CA PRO D 15 29.66 7.47 13.73
C PRO D 15 29.66 7.54 12.22
N ILE D 16 29.00 8.54 11.69
CA ILE D 16 28.88 8.73 10.26
C ILE D 16 29.28 10.14 9.85
N LEU D 17 30.01 10.22 8.74
CA LEU D 17 30.34 11.44 8.08
C LEU D 17 29.88 11.40 6.61
N VAL D 18 29.24 12.47 6.15
CA VAL D 18 28.81 12.57 4.79
C VAL D 18 29.33 13.82 4.18
N GLU D 19 29.93 13.71 2.98
CA GLU D 19 30.38 14.92 2.28
C GLU D 19 29.83 14.86 0.87
N LEU D 20 29.24 15.93 0.41
CA LEU D 20 28.68 15.97 -0.94
C LEU D 20 29.22 17.22 -1.62
N ASP D 21 29.70 17.04 -2.87
CA ASP D 21 30.03 18.16 -3.77
C ASP D 21 29.08 18.08 -4.94
N GLY D 22 28.36 19.15 -5.17
CA GLY D 22 27.21 19.14 -6.09
C GLY D 22 27.30 20.30 -7.08
N ASP D 23 26.68 20.06 -8.23
CA ASP D 23 26.53 21.09 -9.24
C ASP D 23 25.24 20.73 -9.99
N VAL D 24 24.32 21.65 -9.93
CA VAL D 24 23.01 21.52 -10.58
C VAL D 24 22.77 22.71 -11.49
N ASN D 25 22.67 22.42 -12.82
CA ASN D 25 22.55 23.46 -13.79
C ASN D 25 23.68 24.52 -13.62
N GLY D 26 24.86 24.09 -13.22
CA GLY D 26 25.97 25.06 -12.97
C GLY D 26 26.07 25.69 -11.62
N HIS D 27 25.06 25.51 -10.79
CA HIS D 27 25.09 26.02 -9.41
C HIS D 27 25.85 25.05 -8.54
N ARG D 28 27.00 25.45 -8.07
CA ARG D 28 27.90 24.59 -7.28
C ARG D 28 27.57 24.75 -5.78
N PHE D 29 27.63 23.65 -5.04
CA PHE D 29 27.40 23.71 -3.62
C PHE D 29 28.03 22.52 -2.97
N SER D 30 28.19 22.61 -1.65
CA SER D 30 28.67 21.49 -0.86
C SER D 30 27.82 21.31 0.39
N VAL D 31 27.74 20.06 0.78
CA VAL D 31 27.05 19.69 2.03
C VAL D 31 27.95 18.76 2.88
N ARG D 32 27.93 18.94 4.18
CA ARG D 32 28.57 18.09 5.14
C ARG D 32 27.56 17.65 6.15
N GLY D 33 27.55 16.36 6.42
CA GLY D 33 26.68 15.82 7.43
C GLY D 33 27.44 14.99 8.45
N GLU D 34 26.90 14.90 9.65
CA GLU D 34 27.48 14.12 10.71
C GLU D 34 26.33 13.54 11.53
N GLY D 35 26.57 12.37 12.05
CA GLY D 35 25.65 11.76 12.99
C GLY D 35 26.06 10.32 13.32
N GLU D 36 25.09 9.45 13.49
CA GLU D 36 25.44 8.10 13.87
C GLU D 36 24.35 7.13 13.45
N GLY D 37 24.74 5.88 13.30
CA GLY D 37 23.88 4.83 12.82
C GLY D 37 23.93 3.64 13.74
N ASP D 38 22.79 2.99 13.87
CA ASP D 38 22.63 1.85 14.80
C ASP D 38 21.97 0.78 13.98
N ALA D 39 22.78 0.11 13.18
CA ALA D 39 22.26 -0.86 12.23
C ALA D 39 21.47 -2.01 12.77
N THR D 40 21.81 -2.38 14.01
CA THR D 40 21.09 -3.44 14.66
C THR D 40 19.59 -3.14 14.60
N TYR D 41 19.17 -1.87 14.78
CA TYR D 41 17.78 -1.52 14.68
C TYR D 41 17.46 -0.56 13.53
N GLY D 42 18.29 -0.63 12.52
CA GLY D 42 17.97 0.02 11.26
C GLY D 42 17.92 1.56 11.33
N MET D 43 18.56 2.20 12.32
CA MET D 43 18.32 3.56 12.58
C MET D 43 19.47 4.45 12.30
N LEU D 44 19.17 5.65 11.79
CA LEU D 44 20.19 6.70 11.57
C LEU D 44 19.66 8.01 12.06
N THR D 45 20.55 8.88 12.54
CA THR D 45 20.25 10.25 12.83
C THR D 45 21.41 11.05 12.27
N LEU D 46 21.15 12.02 11.45
CA LEU D 46 22.15 12.77 10.78
C LEU D 46 21.77 14.23 10.81
N ARG D 47 22.75 15.08 10.85
CA ARG D 47 22.53 16.49 10.65
C ARG D 47 23.42 16.99 9.53
N PHE D 48 22.86 17.75 8.59
CA PHE D 48 23.52 18.21 7.38
C PHE D 48 23.54 19.74 7.36
N ILE D 49 24.65 20.33 6.89
CA ILE D 49 24.72 21.74 6.67
C ILE D 49 25.19 21.98 5.21
N CYS D 50 24.71 23.05 4.59
CA CYS D 50 25.26 23.46 3.34
C CYS D 50 26.49 24.37 3.72
N THR D 51 27.67 23.99 3.26
CA THR D 51 28.86 24.71 3.68
C THR D 51 29.23 25.78 2.75
N THR D 52 28.46 26.05 1.70
CA THR D 52 28.72 27.04 0.70
C THR D 52 27.68 28.15 0.67
N GLY D 53 26.87 28.24 1.69
CA GLY D 53 25.87 29.30 1.71
C GLY D 53 24.50 28.63 1.64
N ARG D 54 23.75 28.91 0.63
CA ARG D 54 22.41 28.32 0.55
C ARG D 54 22.35 27.30 -0.54
N LEU D 55 21.57 26.27 -0.31
CA LEU D 55 21.43 25.23 -1.29
C LEU D 55 20.64 25.76 -2.47
N PRO D 56 20.97 25.35 -3.72
CA PRO D 56 20.22 25.80 -4.86
C PRO D 56 19.08 24.87 -5.22
N VAL D 57 18.94 23.77 -4.51
CA VAL D 57 17.88 22.81 -4.67
C VAL D 57 17.25 22.49 -3.28
N PRO D 58 16.05 21.92 -3.27
CA PRO D 58 15.42 21.55 -1.96
C PRO D 58 16.14 20.43 -1.33
N TRP D 59 16.26 20.49 0.00
CA TRP D 59 16.80 19.37 0.72
C TRP D 59 16.23 18.01 0.45
N PRO D 60 14.89 17.90 0.26
CA PRO D 60 14.35 16.62 0.05
C PRO D 60 14.87 15.93 -1.22
N THR D 61 15.35 16.70 -2.20
CA THR D 61 15.92 16.13 -3.40
C THR D 61 17.22 15.45 -3.20
N LEU D 62 17.89 15.72 -2.05
CA LEU D 62 19.21 15.18 -1.74
C LEU D 62 19.18 14.05 -0.77
N VAL D 63 18.03 13.75 -0.15
CA VAL D 63 17.96 12.71 0.87
C VAL D 63 18.51 11.37 0.44
N THR D 64 18.04 10.92 -0.72
CA THR D 64 18.44 9.53 -1.14
C THR D 64 19.93 9.46 -1.47
N THR D 65 20.51 10.55 -1.90
CA THR D 65 21.95 10.61 -2.24
C THR D 65 22.79 10.68 -0.95
N LEU D 66 22.36 11.50 -0.01
CA LEU D 66 23.01 11.65 1.29
C LEU D 66 22.90 10.42 2.14
N1 CRO D 67 21.69 9.64 2.20
CA1 CRO D 67 21.48 8.42 3.01
CB1 CRO D 67 20.53 8.66 4.20
CG1 CRO D 67 21.22 9.74 4.96
OG1 CRO D 67 19.28 9.15 3.68
C1 CRO D 67 20.93 7.53 2.04
N2 CRO D 67 19.60 7.28 1.87
N3 CRO D 67 21.73 6.82 1.18
C2 CRO D 67 20.97 6.08 0.46
O2 CRO D 67 21.25 5.29 -0.53
CA2 CRO D 67 19.59 6.33 0.94
CA3 CRO D 67 23.14 6.89 0.98
C3 CRO D 67 23.98 5.87 1.64
O3 CRO D 67 25.03 5.56 1.10
CB2 CRO D 67 18.46 5.74 0.29
CG2 CRO D 67 17.04 6.05 0.62
CD1 CRO D 67 16.59 6.86 1.64
CD2 CRO D 67 16.09 5.54 -0.30
CE1 CRO D 67 15.22 7.17 1.83
CE2 CRO D 67 14.70 5.81 -0.10
CZ CRO D 67 14.29 6.57 0.95
OH CRO D 67 12.96 6.76 1.27
N VAL D 68 23.47 5.43 2.83
CA VAL D 68 24.36 4.51 3.66
C VAL D 68 23.46 3.34 4.01
N GLN D 69 23.15 2.55 3.00
CA GLN D 69 22.22 1.48 3.14
C GLN D 69 22.84 0.27 3.92
N CYS D 70 24.12 0.36 4.23
CA CYS D 70 24.75 -0.52 5.22
C CYS D 70 24.16 -0.38 6.62
N PHE D 71 23.37 0.70 6.91
CA PHE D 71 22.68 0.79 8.21
C PHE D 71 21.27 0.20 8.26
N ALA D 72 20.85 -0.49 7.21
CA ALA D 72 19.55 -1.16 7.27
C ALA D 72 19.56 -2.34 8.24
N ARG D 73 18.44 -2.56 8.88
CA ARG D 73 18.18 -3.76 9.61
C ARG D 73 17.90 -4.91 8.67
N TYR D 74 18.82 -5.86 8.62
CA TYR D 74 18.56 -7.15 7.94
C TYR D 74 18.09 -8.14 8.99
N PRO D 75 16.87 -8.68 8.92
CA PRO D 75 16.44 -9.64 9.97
C PRO D 75 17.29 -10.91 9.84
N ASP D 76 17.24 -11.68 10.89
CA ASP D 76 18.11 -12.86 11.01
C ASP D 76 18.11 -13.81 9.86
N HIS D 77 16.93 -14.16 9.41
CA HIS D 77 16.78 -15.07 8.29
C HIS D 77 17.29 -14.47 6.97
N MET D 78 17.54 -13.15 6.88
CA MET D 78 18.04 -12.53 5.63
C MET D 78 19.45 -12.11 5.68
N ARG D 79 20.15 -12.56 6.68
CA ARG D 79 21.51 -12.12 6.91
C ARG D 79 22.46 -12.40 5.75
N ARG D 80 22.22 -13.46 5.00
CA ARG D 80 23.14 -13.78 3.92
C ARG D 80 22.88 -12.92 2.69
N HIS D 81 21.90 -12.02 2.77
CA HIS D 81 21.51 -11.15 1.67
C HIS D 81 21.92 -9.70 1.87
N ASP D 82 22.68 -9.45 2.91
CA ASP D 82 23.18 -8.09 3.20
C ASP D 82 24.49 -7.81 2.50
N PHE D 83 24.37 -7.43 1.22
CA PHE D 83 25.52 -7.07 0.43
C PHE D 83 26.29 -5.96 1.09
N PHE D 84 25.56 -4.92 1.54
CA PHE D 84 26.20 -3.71 1.88
C PHE D 84 27.21 -3.90 3.02
N LYS D 85 26.83 -4.58 4.10
CA LYS D 85 27.75 -4.76 5.18
C LYS D 85 28.91 -5.69 4.79
N SER D 86 28.63 -6.65 3.91
CA SER D 86 29.66 -7.69 3.53
C SER D 86 30.83 -7.07 2.82
N THR D 87 30.70 -5.87 2.25
CA THR D 87 31.82 -5.14 1.66
C THR D 87 32.75 -4.48 2.61
N MET D 88 32.37 -4.35 3.86
CA MET D 88 33.09 -3.44 4.76
C MET D 88 34.27 -4.17 5.45
N PRO D 89 35.33 -3.45 5.80
CA PRO D 89 35.46 -1.98 5.77
C PRO D 89 35.88 -1.30 4.46
N GLU D 90 36.30 -2.02 3.45
CA GLU D 90 36.80 -1.42 2.21
C GLU D 90 35.66 -0.69 1.42
N GLY D 91 34.46 -1.26 1.52
CA GLY D 91 33.23 -0.55 1.12
C GLY D 91 32.91 -0.73 -0.33
N TYR D 92 32.13 0.22 -0.84
CA TYR D 92 31.54 0.17 -2.13
C TYR D 92 31.37 1.53 -2.80
N VAL D 93 31.26 1.48 -4.14
CA VAL D 93 30.92 2.59 -4.94
C VAL D 93 29.40 2.47 -5.22
N GLN D 94 28.67 3.55 -4.95
CA GLN D 94 27.24 3.64 -5.26
C GLN D 94 27.03 4.69 -6.29
N GLU D 95 26.41 4.30 -7.42
CA GLU D 95 26.15 5.20 -8.48
C GLU D 95 24.66 5.20 -8.80
N ARG D 96 24.15 6.38 -9.12
CA ARG D 96 22.75 6.49 -9.48
C ARG D 96 22.53 7.44 -10.59
N MET D 97 21.41 7.18 -11.28
CA MET D 97 20.82 8.17 -12.13
C MET D 97 19.41 8.36 -11.54
N ILE D 98 19.03 9.63 -11.37
CA ILE D 98 17.77 10.01 -10.78
C ILE D 98 17.04 10.93 -11.69
N TYR D 99 15.92 10.45 -12.24
CA TYR D 99 15.12 11.25 -13.21
C TYR D 99 13.89 11.82 -12.48
N PHE D 100 13.82 13.14 -12.45
CA PHE D 100 12.72 13.89 -11.84
C PHE D 100 11.62 14.10 -12.84
N GLU D 101 10.43 13.73 -12.45
CA GLU D 101 9.23 13.97 -13.27
C GLU D 101 9.14 15.39 -13.77
N ASP D 102 9.02 15.52 -15.09
CA ASP D 102 8.80 16.83 -15.73
C ASP D 102 10.01 17.83 -15.46
N ASP D 103 11.21 17.27 -15.26
CA ASP D 103 12.35 18.14 -14.86
C ASP D 103 13.62 17.40 -15.13
N GLY D 104 14.72 17.80 -14.54
CA GLY D 104 16.03 17.32 -14.84
C GLY D 104 16.38 16.00 -14.22
N ALA D 105 17.68 15.70 -14.23
CA ALA D 105 18.18 14.50 -13.69
C ALA D 105 19.43 14.73 -12.82
N TYR D 106 19.56 13.95 -11.77
CA TYR D 106 20.81 13.87 -11.04
C TYR D 106 21.61 12.61 -11.42
N ARG D 107 22.92 12.79 -11.61
CA ARG D 107 23.83 11.68 -11.69
C ARG D 107 24.74 11.71 -10.48
N THR D 108 24.87 10.63 -9.76
CA THR D 108 25.64 10.65 -8.54
C THR D 108 26.65 9.49 -8.52
N ARG D 109 27.75 9.75 -7.84
CA ARG D 109 28.72 8.74 -7.58
C ARG D 109 29.25 8.91 -6.22
N ALA D 110 29.31 7.85 -5.47
CA ALA D 110 29.69 7.95 -4.08
C ALA D 110 30.54 6.77 -3.64
N VAL D 111 31.47 7.05 -2.74
CA VAL D 111 32.27 6.02 -2.08
C VAL D 111 31.82 5.93 -0.67
N VAL D 112 31.46 4.73 -0.26
CA VAL D 112 30.98 4.42 1.07
C VAL D 112 31.95 3.40 1.68
N ARG D 113 32.60 3.82 2.75
CA ARG D 113 33.63 2.98 3.41
C ARG D 113 34.02 3.53 4.73
N PHE D 114 34.71 2.69 5.53
CA PHE D 114 35.22 3.13 6.79
C PHE D 114 36.48 3.93 6.63
N GLU D 115 36.57 5.04 7.35
CA GLU D 115 37.84 5.80 7.55
C GLU D 115 38.01 5.83 9.03
N GLY D 116 38.90 4.97 9.50
CA GLY D 116 38.99 4.70 10.92
C GLY D 116 37.72 4.10 11.46
N ASP D 117 37.20 4.63 12.54
CA ASP D 117 36.04 4.07 13.13
C ASP D 117 34.70 4.66 12.50
N THR D 118 34.86 5.61 11.60
CA THR D 118 33.74 6.36 11.00
C THR D 118 33.35 5.78 9.65
N LEU D 119 32.04 5.59 9.47
CA LEU D 119 31.52 5.22 8.17
C LEU D 119 31.31 6.56 7.40
N VAL D 120 31.93 6.67 6.26
CA VAL D 120 31.97 7.90 5.49
C VAL D 120 31.33 7.66 4.15
N ASN D 121 30.45 8.59 3.76
CA ASN D 121 29.84 8.59 2.42
C ASN D 121 30.31 9.88 1.73
N ARG D 122 31.15 9.74 0.70
CA ARG D 122 31.66 10.88 -0.06
C ARG D 122 31.08 10.83 -1.44
N ILE D 123 30.41 11.89 -1.82
CA ILE D 123 29.59 11.94 -2.99
C ILE D 123 29.92 13.07 -3.94
N GLU D 124 29.79 12.79 -5.27
CA GLU D 124 29.69 13.82 -6.28
C GLU D 124 28.35 13.74 -6.92
N LEU D 125 27.73 14.89 -7.08
CA LEU D 125 26.40 14.95 -7.76
C LEU D 125 26.45 15.98 -8.86
N ARG D 126 25.87 15.59 -9.97
CA ARG D 126 25.73 16.47 -11.12
C ARG D 126 24.30 16.48 -11.59
N GLY D 127 23.69 17.64 -11.60
CA GLY D 127 22.34 17.78 -12.08
C GLY D 127 22.32 18.55 -13.36
N THR D 128 21.53 18.09 -14.31
CA THR D 128 21.37 18.72 -15.59
C THR D 128 19.93 18.83 -16.04
N ASP D 129 19.69 19.86 -16.86
CA ASP D 129 18.46 20.10 -17.64
C ASP D 129 17.27 20.42 -16.71
N PHE D 130 17.49 20.97 -15.54
CA PHE D 130 16.41 21.36 -14.71
C PHE D 130 15.80 22.64 -15.24
N ARG D 131 14.53 22.81 -14.95
CA ARG D 131 13.84 24.03 -15.26
C ARG D 131 14.04 25.07 -14.22
N GLU D 132 14.40 26.28 -14.65
CA GLU D 132 14.69 27.33 -13.69
C GLU D 132 13.51 27.72 -12.84
N ASP D 133 12.29 27.54 -13.34
CA ASP D 133 11.09 27.83 -12.60
C ASP D 133 10.24 26.56 -12.30
N GLY D 134 10.91 25.44 -12.27
CA GLY D 134 10.28 24.14 -11.88
C GLY D 134 10.22 24.02 -10.36
N ASN D 135 9.77 22.88 -9.88
CA ASN D 135 9.58 22.72 -8.44
C ASN D 135 10.94 22.63 -7.71
N ILE D 136 12.01 22.25 -8.40
CA ILE D 136 13.27 22.02 -7.80
C ILE D 136 14.04 23.32 -7.69
N LEU D 137 14.38 23.92 -8.82
CA LEU D 137 15.12 25.19 -8.77
C LEU D 137 14.23 26.33 -8.33
N GLY D 138 12.93 26.19 -8.43
CA GLY D 138 11.96 27.07 -7.85
C GLY D 138 11.53 26.86 -6.39
N HIS D 139 12.11 25.87 -5.74
CA HIS D 139 11.89 25.57 -4.38
C HIS D 139 10.43 25.51 -3.97
N ARG D 140 9.69 24.60 -4.59
CA ARG D 140 8.28 24.40 -4.29
C ARG D 140 7.98 22.98 -3.79
N LEU D 141 8.99 22.31 -3.29
CA LEU D 141 8.82 21.02 -2.66
C LEU D 141 8.67 21.20 -1.13
N GLU D 142 7.71 20.50 -0.58
CA GLU D 142 7.49 20.52 0.90
C GLU D 142 8.72 19.94 1.58
N TYR D 143 8.93 20.41 2.80
CA TYR D 143 10.03 19.85 3.62
C TYR D 143 9.60 18.64 4.38
N ASN D 144 9.47 17.56 3.67
CA ASN D 144 9.10 16.32 4.25
C ASN D 144 9.48 15.18 3.33
N PHE D 145 9.20 13.98 3.76
CA PHE D 145 9.60 12.81 3.03
C PHE D 145 8.62 11.67 3.21
N ASN D 146 8.43 10.90 2.17
CA ASN D 146 7.55 9.78 2.23
C ASN D 146 8.27 8.50 2.50
N SER D 147 7.52 7.43 2.70
CA SER D 147 8.15 6.08 2.87
C SER D 147 8.22 5.39 1.59
N HIS D 148 9.30 4.67 1.34
CA HIS D 148 9.55 4.11 0.00
C HIS D 148 10.03 2.66 0.09
N MET D 149 10.05 2.02 -1.04
CA MET D 149 10.48 0.61 -1.16
C MET D 149 11.59 0.55 -2.15
N VAL D 150 12.75 0.02 -1.82
CA VAL D 150 13.90 -0.02 -2.70
C VAL D 150 14.06 -1.46 -3.11
N TYR D 151 13.99 -1.76 -4.40
CA TYR D 151 14.02 -3.16 -4.86
C TYR D 151 15.47 -3.48 -5.23
N ILE D 152 16.05 -4.46 -4.57
CA ILE D 152 17.44 -4.88 -4.75
C ILE D 152 17.59 -6.19 -5.53
N MET D 153 18.51 -6.16 -6.49
CA MET D 153 18.81 -7.30 -7.39
C MET D 153 20.31 -7.52 -7.39
N ALA D 154 20.75 -8.77 -7.36
CA ALA D 154 22.17 -9.03 -7.61
C ALA D 154 22.59 -8.67 -9.02
N ASP D 155 23.82 -8.26 -9.13
CA ASP D 155 24.50 -8.04 -10.42
C ASP D 155 25.78 -8.91 -10.35
N ARG D 156 25.64 -10.14 -10.77
CA ARG D 156 26.77 -11.13 -10.69
C ARG D 156 27.96 -10.72 -11.54
N GLN D 157 27.75 -10.20 -12.73
CA GLN D 157 28.89 -9.69 -13.52
C GLN D 157 29.72 -8.63 -12.82
N ARG D 158 29.11 -7.72 -12.06
CA ARG D 158 29.83 -6.64 -11.40
C ARG D 158 30.23 -7.05 -9.98
N ASN D 159 29.87 -8.26 -9.56
CA ASN D 159 30.05 -8.68 -8.19
C ASN D 159 29.39 -7.72 -7.17
N GLY D 160 28.16 -7.28 -7.51
CA GLY D 160 27.49 -6.32 -6.65
C GLY D 160 26.00 -6.38 -6.87
N ILE D 161 25.36 -5.22 -6.78
CA ILE D 161 23.89 -5.13 -6.86
C ILE D 161 23.45 -3.99 -7.76
N ARG D 162 22.17 -4.07 -8.12
CA ARG D 162 21.45 -2.94 -8.69
C ARG D 162 20.20 -2.73 -7.85
N ALA D 163 19.66 -1.53 -7.94
CA ALA D 163 18.41 -1.26 -7.23
C ALA D 163 17.62 -0.32 -8.03
N MET D 164 16.29 -0.37 -7.83
CA MET D 164 15.39 0.48 -8.60
C MET D 164 14.27 0.88 -7.65
N PHE D 165 13.89 2.15 -7.73
CA PHE D 165 12.83 2.71 -6.91
C PHE D 165 12.38 4.06 -7.32
N ASN D 166 11.10 4.36 -7.05
CA ASN D 166 10.60 5.71 -7.28
C ASN D 166 10.48 6.34 -5.91
N THR D 167 10.87 7.60 -5.77
CA THR D 167 10.46 8.36 -4.61
C THR D 167 9.34 9.26 -5.01
N ARG D 168 8.57 9.70 -4.01
CA ARG D 168 7.46 10.62 -4.24
C ARG D 168 7.67 11.81 -3.37
N HIS D 169 7.82 12.99 -3.99
CA HIS D 169 8.09 14.24 -3.27
C HIS D 169 6.87 15.10 -3.22
N ASN D 170 6.35 15.42 -2.05
CA ASN D 170 5.22 16.31 -2.02
C ASN D 170 5.55 17.72 -2.47
N VAL D 171 4.66 18.27 -3.30
CA VAL D 171 4.74 19.61 -3.80
C VAL D 171 3.80 20.52 -3.07
N GLU D 172 4.14 21.77 -2.94
CA GLU D 172 3.32 22.69 -2.21
C GLU D 172 1.91 22.89 -2.69
N ASP D 173 1.63 22.62 -3.94
CA ASP D 173 0.22 22.66 -4.44
C ASP D 173 -0.56 21.37 -4.20
N GLY D 174 -0.04 20.44 -3.42
CA GLY D 174 -0.75 19.21 -3.05
C GLY D 174 -0.52 18.12 -4.06
N SER D 175 0.24 18.32 -5.12
CA SER D 175 0.61 17.21 -5.98
C SER D 175 1.85 16.48 -5.46
N GLU D 176 2.17 15.33 -6.10
CA GLU D 176 3.46 14.59 -5.84
C GLU D 176 4.33 14.58 -7.10
N GLN D 177 5.61 14.76 -6.91
CA GLN D 177 6.57 14.72 -8.05
C GLN D 177 7.42 13.49 -7.84
N VAL D 178 7.44 12.63 -8.82
CA VAL D 178 8.19 11.37 -8.71
C VAL D 178 9.65 11.57 -9.16
N ALA D 179 10.52 10.85 -8.52
CA ALA D 179 11.93 10.66 -8.98
C ALA D 179 12.21 9.21 -9.10
N MET D 180 12.55 8.81 -10.29
CA MET D 180 12.86 7.43 -10.62
C MET D 180 14.38 7.21 -10.50
N HIS D 181 14.75 6.33 -9.58
CA HIS D 181 16.13 6.04 -9.27
C HIS D 181 16.60 4.73 -9.87
N TYR D 182 17.70 4.80 -10.61
CA TYR D 182 18.47 3.66 -11.06
C TYR D 182 19.78 3.61 -10.27
N GLN D 183 20.07 2.52 -9.63
CA GLN D 183 21.22 2.47 -8.76
C GLN D 183 22.06 1.24 -9.13
N GLN D 184 23.37 1.36 -8.89
CA GLN D 184 24.29 0.23 -8.95
C GLN D 184 25.36 0.39 -7.88
N ASN D 185 25.74 -0.72 -7.22
CA ASN D 185 26.76 -0.71 -6.25
C ASN D 185 27.81 -1.78 -6.62
N THR D 186 29.05 -1.43 -6.41
CA THR D 186 30.21 -2.28 -6.80
C THR D 186 31.20 -2.26 -5.61
N PRO D 187 31.66 -3.40 -5.14
CA PRO D 187 32.63 -3.38 -4.06
C PRO D 187 33.94 -2.77 -4.49
N ILE D 188 34.59 -2.13 -3.54
CA ILE D 188 35.90 -1.52 -3.76
C ILE D 188 37.03 -2.53 -3.58
N GLY D 189 36.92 -3.36 -2.53
CA GLY D 189 37.94 -4.45 -2.33
C GLY D 189 37.67 -5.68 -3.20
N ASP D 190 38.58 -6.64 -3.10
CA ASP D 190 38.40 -7.93 -3.79
C ASP D 190 37.97 -9.06 -2.86
N GLY D 191 37.76 -8.76 -1.57
CA GLY D 191 37.21 -9.76 -0.62
C GLY D 191 35.92 -10.32 -1.12
N PRO D 192 35.47 -11.45 -0.57
CA PRO D 192 34.20 -12.00 -1.10
C PRO D 192 33.04 -11.13 -0.54
N VAL D 193 31.90 -11.15 -1.21
CA VAL D 193 30.78 -10.35 -0.82
C VAL D 193 29.57 -11.28 -0.85
N LEU D 194 28.48 -10.84 -0.26
CA LEU D 194 27.23 -11.55 -0.29
C LEU D 194 26.41 -10.96 -1.42
N LEU D 195 26.14 -11.74 -2.44
CA LEU D 195 25.19 -11.39 -3.52
C LEU D 195 23.78 -11.85 -3.16
N PRO D 196 22.83 -10.92 -3.11
CA PRO D 196 21.55 -11.29 -2.56
C PRO D 196 20.54 -11.84 -3.56
N ASP D 197 19.60 -12.61 -3.06
CA ASP D 197 18.34 -12.87 -3.80
C ASP D 197 17.52 -11.53 -3.76
N ASP D 198 16.64 -11.38 -4.73
CA ASP D 198 15.81 -10.19 -4.80
C ASP D 198 15.10 -9.93 -3.49
N HIS D 199 15.03 -8.66 -3.08
CA HIS D 199 14.37 -8.32 -1.84
C HIS D 199 14.21 -6.80 -1.82
N TYR D 200 13.60 -6.27 -0.79
CA TYR D 200 13.46 -4.84 -0.76
C TYR D 200 13.88 -4.27 0.54
N LEU D 201 14.16 -2.99 0.53
CA LEU D 201 14.33 -2.21 1.74
C LEU D 201 13.11 -1.29 1.84
N TYR D 202 12.52 -1.24 3.01
CA TYR D 202 11.43 -0.32 3.30
CA TYR D 202 11.41 -0.32 3.30
C TYR D 202 11.99 0.82 4.11
N THR D 203 11.70 2.07 3.72
CA THR D 203 12.28 3.22 4.39
C THR D 203 11.25 4.09 5.06
N MET D 204 11.61 4.69 6.14
CA MET D 204 10.79 5.77 6.74
C MET D 204 11.71 6.84 7.29
N SER D 205 11.35 8.08 7.05
CA SER D 205 12.23 9.20 7.30
C SER D 205 11.41 10.36 7.90
N LEU D 206 12.07 11.18 8.74
CA LEU D 206 11.47 12.37 9.15
C LEU D 206 12.50 13.47 9.05
N LEU D 207 12.18 14.54 8.36
CA LEU D 207 13.04 15.68 8.30
C LEU D 207 12.65 16.71 9.35
N SER D 208 13.62 17.41 9.93
CA SER D 208 13.30 18.45 10.88
C SER D 208 14.31 19.58 10.81
N VAL D 209 14.03 20.65 11.52
CA VAL D 209 14.78 21.87 11.53
C VAL D 209 15.26 22.09 12.95
N ASP D 210 16.46 22.57 13.11
CA ASP D 210 16.97 23.09 14.43
C ASP D 210 16.71 24.58 14.44
N PRO D 211 15.84 25.07 15.35
CA PRO D 211 15.41 26.47 15.26
C PRO D 211 16.57 27.43 15.54
N ASN D 212 17.66 26.96 16.11
CA ASN D 212 18.78 27.84 16.31
C ASN D 212 19.93 27.68 15.34
N GLU D 213 19.74 26.88 14.29
CA GLU D 213 20.82 26.79 13.28
C GLU D 213 20.46 27.79 12.23
N ARG D 214 21.29 28.83 12.10
CA ARG D 214 21.09 29.81 11.03
C ARG D 214 21.61 29.34 9.68
N ARG D 215 22.52 28.40 9.65
CA ARG D 215 22.89 27.86 8.34
C ARG D 215 21.74 27.09 7.65
N ASP D 216 21.79 27.03 6.31
CA ASP D 216 20.90 26.15 5.58
C ASP D 216 21.23 24.74 5.99
N HIS D 217 20.21 24.01 6.46
CA HIS D 217 20.44 22.72 7.11
C HIS D 217 19.22 21.77 7.14
N MET D 218 19.53 20.53 7.39
CA MET D 218 18.52 19.45 7.48
C MET D 218 18.92 18.51 8.58
N VAL D 219 17.99 18.26 9.50
CA VAL D 219 18.08 17.17 10.39
C VAL D 219 17.25 15.98 9.94
N LEU D 220 17.81 14.78 9.94
CA LEU D 220 17.16 13.60 9.40
C LEU D 220 17.19 12.45 10.36
N ARG D 221 16.06 11.77 10.56
CA ARG D 221 15.98 10.52 11.27
C ARG D 221 15.39 9.53 10.30
N GLU D 222 15.87 8.32 10.27
CA GLU D 222 15.49 7.34 9.33
C GLU D 222 15.51 5.97 9.96
N PHE D 223 14.58 5.13 9.53
CA PHE D 223 14.54 3.73 9.86
C PHE D 223 14.38 2.92 8.62
N VAL D 224 15.30 1.96 8.41
CA VAL D 224 15.31 1.17 7.21
C VAL D 224 15.41 -0.31 7.58
N MET D 225 14.54 -1.11 6.99
CA MET D 225 14.62 -2.59 7.22
C MET D 225 14.46 -3.32 5.93
N ALA D 226 15.04 -4.48 5.86
CA ALA D 226 14.99 -5.35 4.68
C ALA D 226 13.87 -6.36 4.86
N ALA D 227 13.26 -6.73 3.79
CA ALA D 227 12.14 -7.66 3.83
C ALA D 227 12.00 -8.32 2.45
N GLY D 228 11.15 -9.36 2.41
CA GLY D 228 10.77 -10.03 1.15
C GLY D 228 11.47 -11.34 0.82
N ILE D 229 12.21 -11.90 1.77
CA ILE D 229 12.64 -13.33 1.78
C ILE D 229 12.16 -14.07 3.08
NA NA E . -19.68 0.35 2.87
NA NA F . -20.17 -0.63 0.32
N1 IMD G . -11.02 6.31 -6.59
C2 IMD G . -11.09 7.09 -7.66
N3 IMD G . -11.68 6.46 -8.68
C4 IMD G . -12.01 5.22 -8.26
C5 IMD G . -11.62 5.15 -6.97
N1 IMD H . -9.95 9.49 6.05
C2 IMD H . -8.88 8.89 6.55
N3 IMD H . -9.18 8.22 7.66
C4 IMD H . -10.50 8.38 7.89
C5 IMD H . -10.96 9.18 6.91
NA NA I . 0.51 9.93 17.15
NA NA J . -1.85 8.81 18.00
N1 IMD K . 3.81 13.29 3.62
C2 IMD K . 3.17 14.13 4.39
N3 IMD K . 3.88 14.42 5.48
C4 IMD K . 5.01 13.69 5.45
C5 IMD K . 4.97 13.01 4.29
NA NA L . -5.09 2.47 -19.15
NA NA M . -2.49 2.91 -19.89
NA NA N . 15.84 12.35 -2.23
NA NA O . 15.12 12.12 -4.88
N1 IMD P . 1.55 10.53 -9.60
C2 IMD P . 2.18 11.68 -9.45
N3 IMD P . 3.29 11.71 -10.20
C4 IMD P . 3.39 10.54 -10.84
C5 IMD P . 2.30 9.83 -10.51
#